data_3V4R
#
_entry.id   3V4R
#
_cell.length_a   95.940
_cell.length_b   100.310
_cell.length_c   163.630
_cell.angle_alpha   90.00
_cell.angle_beta   90.00
_cell.angle_gamma   90.00
#
_symmetry.space_group_name_H-M   'P 21 21 21'
#
loop_
_entity.id
_entity.type
_entity.pdbx_description
1 polymer 'UvrABC system protein B'
2 polymer 'DNA: 5 -TACTGTTT-3'
3 non-polymer "ADENOSINE-5'-DIPHOSPHATE"
#
loop_
_entity_poly.entity_id
_entity_poly.type
_entity_poly.pdbx_seq_one_letter_code
_entity_poly.pdbx_strand_id
1 'polypeptide(L)'
;HHHHHHMKDRFELVSKYQPQGDQPKAIEKLVKGIQEGKKHQTLLGATGTGKTFTVSNLIKEVNKPTLVIAHNKTLAGQLY
SEFKEFFPNNAVEYFVSYYDYYQPEAYVPQTDTFIEKDASINDEIDKLRHSATSALFERRDVIIIASVSCIYGLGSPEEY
REMVVSLRTEMEIERNELLRKLVDIQYARNDIDFQRGTFRVRGDVVEIFPASRDEHCVRVEFFGDEIERIREVDALTGEI
LGDRDHVAIFPASHFVTRAEKMEKAIQNIEKELEEQLKVMHENGKLLEAQRLEQRTRYDLEMMREMGFCSGIENYSRHLT
LRPPGSTPYTLLDYFPDDFMIVVDESHVTIPQVRGMFNGDQARKQVLVDHGFRLPSALDNRPLRFEEFEKHMHNIVYVSA
TPGPYEIEHTDEMVEQIIRPTGLLDPLIDVRPIEGQIDDLIGEIQARIERNERVLVTTLTKKMSEDLTDYLKEIGIKVNY
LHSEIKTLERIEIIRDLRLGKYDVLVGINLLREGLDIPEVSLVAILDADKEGFLRSERSLIQTIGRAARNAEGRVIMYAD
KITKSMEIAINETKRRREQQERFNEEHGITPKTINKEIRDVIRATVAAEDKAEYKTKAAPKLSKMTKKERQKVVEQMEHE
MKEAAKALDFERAAELRDLLLELKAEG
;
A,B
2 'polydeoxyribonucleotide' (DT)(DA)(DC)(DT)(DG)(DT)(DT)(DT) C,D
#
loop_
_chem_comp.id
_chem_comp.type
_chem_comp.name
_chem_comp.formula
ADP non-polymer ADENOSINE-5'-DIPHOSPHATE 'C10 H15 N5 O10 P2'
DA DNA linking 2'-DEOXYADENOSINE-5'-MONOPHOSPHATE 'C10 H14 N5 O6 P'
DC DNA linking 2'-DEOXYCYTIDINE-5'-MONOPHOSPHATE 'C9 H14 N3 O7 P'
DG DNA linking 2'-DEOXYGUANOSINE-5'-MONOPHOSPHATE 'C10 H14 N5 O7 P'
DT DNA linking THYMIDINE-5'-MONOPHOSPHATE 'C10 H15 N2 O8 P'
#
# COMPACT_ATOMS: atom_id res chain seq x y z
N ASP A 9 -10.36 -31.92 20.79
CA ASP A 9 -10.04 -30.81 19.86
C ASP A 9 -11.31 -30.33 19.10
N ARG A 10 -12.03 -29.31 19.67
CA ARG A 10 -13.27 -28.76 19.13
C ARG A 10 -13.28 -27.23 18.93
N PHE A 11 -14.08 -26.74 17.96
CA PHE A 11 -14.26 -25.33 17.62
C PHE A 11 -15.19 -24.65 18.63
N GLU A 12 -14.72 -23.58 19.30
CA GLU A 12 -15.51 -22.83 20.30
C GLU A 12 -15.92 -21.50 19.67
N LEU A 13 -17.23 -21.38 19.33
CA LEU A 13 -17.82 -20.19 18.70
C LEU A 13 -18.22 -19.18 19.76
N VAL A 14 -17.53 -18.06 19.77
CA VAL A 14 -17.71 -16.96 20.71
C VAL A 14 -18.52 -15.81 20.09
N SER A 15 -19.83 -15.81 20.38
CA SER A 15 -20.78 -14.81 19.92
C SER A 15 -21.77 -14.49 21.03
N LYS A 16 -22.19 -13.21 21.11
CA LYS A 16 -23.19 -12.76 22.09
C LYS A 16 -24.58 -13.02 21.52
N TYR A 17 -24.69 -13.04 20.18
CA TYR A 17 -25.92 -13.28 19.43
C TYR A 17 -26.25 -14.75 19.11
N GLN A 18 -27.54 -15.00 18.82
CA GLN A 18 -28.09 -16.30 18.48
C GLN A 18 -28.69 -16.25 17.03
N PRO A 19 -28.74 -17.37 16.26
CA PRO A 19 -29.30 -17.33 14.89
C PRO A 19 -30.75 -16.85 14.79
N GLN A 20 -30.92 -15.79 13.97
CA GLN A 20 -32.17 -15.11 13.69
C GLN A 20 -32.57 -15.35 12.25
N GLY A 21 -33.81 -14.99 11.89
CA GLY A 21 -34.36 -15.12 10.54
C GLY A 21 -34.36 -16.54 10.02
N ASP A 22 -33.76 -16.77 8.83
CA ASP A 22 -33.68 -18.15 8.31
C ASP A 22 -32.32 -18.83 8.45
N GLN A 23 -31.46 -18.28 9.33
CA GLN A 23 -30.18 -18.88 9.70
C GLN A 23 -30.44 -20.22 10.43
N PRO A 24 -31.39 -20.38 11.42
CA PRO A 24 -31.58 -21.69 12.07
C PRO A 24 -31.94 -22.82 11.13
N LYS A 25 -32.90 -22.60 10.20
CA LYS A 25 -33.32 -23.61 9.23
C LYS A 25 -32.15 -23.97 8.30
N ALA A 26 -31.37 -22.96 7.86
CA ALA A 26 -30.18 -23.14 7.01
C ALA A 26 -29.12 -24.06 7.67
N ILE A 27 -28.65 -23.71 8.90
CA ILE A 27 -27.67 -24.49 9.66
C ILE A 27 -28.13 -25.94 9.85
N GLU A 28 -29.39 -26.16 10.33
CA GLU A 28 -29.93 -27.51 10.53
C GLU A 28 -29.84 -28.34 9.23
N LYS A 29 -30.30 -27.76 8.08
CA LYS A 29 -30.31 -28.42 6.78
C LYS A 29 -28.90 -28.72 6.25
N LEU A 30 -27.94 -27.79 6.44
CA LEU A 30 -26.56 -27.96 5.99
C LEU A 30 -25.76 -28.93 6.83
N VAL A 31 -26.03 -29.02 8.15
CA VAL A 31 -25.31 -29.94 9.04
C VAL A 31 -25.81 -31.37 8.79
N LYS A 32 -27.15 -31.53 8.62
CA LYS A 32 -27.79 -32.81 8.31
C LYS A 32 -27.23 -33.35 6.99
N GLY A 33 -27.00 -32.47 6.02
CA GLY A 33 -26.45 -32.80 4.71
C GLY A 33 -25.09 -33.46 4.79
N ILE A 34 -24.18 -32.85 5.58
CA ILE A 34 -22.83 -33.37 5.83
C ILE A 34 -22.91 -34.74 6.53
N GLN A 35 -23.74 -34.84 7.60
CA GLN A 35 -23.98 -36.06 8.37
C GLN A 35 -24.55 -37.16 7.46
N GLU A 36 -25.50 -36.81 6.53
CA GLU A 36 -26.13 -37.76 5.58
C GLU A 36 -25.20 -38.15 4.40
N GLY A 37 -23.97 -37.63 4.39
CA GLY A 37 -22.96 -37.94 3.40
C GLY A 37 -22.94 -37.07 2.16
N LYS A 38 -23.72 -35.97 2.14
CA LYS A 38 -23.76 -35.07 0.99
C LYS A 38 -22.44 -34.29 0.91
N LYS A 39 -21.78 -34.39 -0.28
CA LYS A 39 -20.51 -33.78 -0.72
C LYS A 39 -20.83 -32.34 -1.14
N HIS A 40 -21.45 -32.18 -2.31
CA HIS A 40 -21.86 -30.88 -2.85
C HIS A 40 -23.11 -30.38 -2.16
N GLN A 41 -23.05 -29.15 -1.66
CA GLN A 41 -24.18 -28.42 -1.06
C GLN A 41 -24.00 -26.95 -1.42
N THR A 42 -25.12 -26.23 -1.55
CA THR A 42 -25.10 -24.79 -1.88
C THR A 42 -25.97 -24.03 -0.92
N LEU A 43 -25.40 -22.96 -0.34
CA LEU A 43 -26.15 -22.03 0.49
C LEU A 43 -26.46 -20.82 -0.39
N LEU A 44 -27.77 -20.64 -0.68
CA LEU A 44 -28.24 -19.50 -1.47
C LEU A 44 -28.54 -18.46 -0.42
N GLY A 45 -27.52 -17.67 -0.12
CA GLY A 45 -27.61 -16.65 0.90
C GLY A 45 -27.62 -15.27 0.28
N ALA A 46 -28.71 -14.52 0.51
CA ALA A 46 -28.83 -13.15 0.05
C ALA A 46 -27.83 -12.24 0.87
N THR A 47 -27.42 -11.10 0.30
CA THR A 47 -26.52 -10.20 1.03
C THR A 47 -27.32 -9.48 2.11
N GLY A 48 -26.88 -9.65 3.36
CA GLY A 48 -27.53 -9.06 4.53
C GLY A 48 -28.11 -10.08 5.51
N THR A 49 -28.02 -11.37 5.16
CA THR A 49 -28.52 -12.48 5.96
C THR A 49 -27.49 -13.08 6.96
N GLY A 50 -26.25 -12.60 6.96
CA GLY A 50 -25.20 -13.08 7.85
C GLY A 50 -24.68 -14.45 7.44
N LYS A 51 -24.17 -14.54 6.19
CA LYS A 51 -23.62 -15.74 5.58
C LYS A 51 -22.49 -16.34 6.43
N THR A 52 -21.50 -15.51 6.84
CA THR A 52 -20.35 -15.93 7.65
C THR A 52 -20.78 -16.56 8.98
N PHE A 53 -21.77 -15.94 9.65
CA PHE A 53 -22.30 -16.47 10.89
C PHE A 53 -22.98 -17.84 10.67
N THR A 54 -23.74 -18.01 9.58
CA THR A 54 -24.34 -19.33 9.28
C THR A 54 -23.21 -20.35 9.13
N VAL A 55 -22.21 -19.98 8.31
CA VAL A 55 -21.04 -20.80 8.02
C VAL A 55 -20.29 -21.18 9.33
N SER A 56 -20.11 -20.19 10.22
CA SER A 56 -19.42 -20.37 11.50
C SER A 56 -20.15 -21.37 12.35
N ASN A 57 -21.50 -21.31 12.34
CA ASN A 57 -22.33 -22.25 13.10
C ASN A 57 -22.12 -23.66 12.54
N LEU A 58 -22.14 -23.82 11.19
CA LEU A 58 -21.88 -25.09 10.49
C LEU A 58 -20.46 -25.63 10.84
N ILE A 59 -19.41 -24.77 10.78
CA ILE A 59 -18.01 -25.12 11.10
C ILE A 59 -17.91 -25.72 12.52
N LYS A 60 -18.63 -25.13 13.49
CA LYS A 60 -18.66 -25.57 14.89
C LYS A 60 -19.35 -26.93 15.01
N GLU A 61 -20.58 -27.08 14.46
CA GLU A 61 -21.37 -28.30 14.54
C GLU A 61 -20.70 -29.51 13.91
N VAL A 62 -20.12 -29.34 12.70
CA VAL A 62 -19.50 -30.46 11.97
C VAL A 62 -18.11 -30.85 12.48
N ASN A 63 -17.41 -29.91 13.16
CA ASN A 63 -16.04 -30.06 13.71
C ASN A 63 -15.06 -30.78 12.77
N LYS A 64 -14.62 -30.08 11.71
CA LYS A 64 -13.74 -30.61 10.68
C LYS A 64 -12.80 -29.50 10.22
N PRO A 65 -11.49 -29.80 10.00
CA PRO A 65 -10.57 -28.75 9.50
C PRO A 65 -11.19 -28.12 8.25
N THR A 66 -11.25 -26.80 8.22
CA THR A 66 -11.90 -26.16 7.10
C THR A 66 -11.04 -25.21 6.26
N LEU A 67 -11.43 -25.08 4.98
CA LEU A 67 -10.77 -24.21 4.00
C LEU A 67 -11.81 -23.30 3.37
N VAL A 68 -11.60 -21.98 3.48
CA VAL A 68 -12.50 -20.97 2.92
C VAL A 68 -11.82 -20.36 1.71
N ILE A 69 -12.45 -20.49 0.53
CA ILE A 69 -11.85 -19.90 -0.66
C ILE A 69 -12.58 -18.62 -1.06
N ALA A 70 -11.81 -17.50 -1.22
CA ALA A 70 -12.31 -16.20 -1.67
C ALA A 70 -11.70 -15.89 -3.04
N HIS A 71 -12.48 -15.22 -3.91
CA HIS A 71 -12.05 -14.90 -5.25
C HIS A 71 -11.13 -13.68 -5.34
N ASN A 72 -10.95 -12.95 -4.22
CA ASN A 72 -10.04 -11.81 -4.11
C ASN A 72 -9.54 -11.63 -2.68
N LYS A 73 -8.34 -11.02 -2.53
CA LYS A 73 -7.67 -10.76 -1.25
C LYS A 73 -8.41 -9.80 -0.34
N THR A 74 -9.13 -8.81 -0.91
CA THR A 74 -9.92 -7.84 -0.12
C THR A 74 -10.99 -8.59 0.67
N LEU A 75 -11.69 -9.48 -0.03
CA LEU A 75 -12.79 -10.28 0.48
C LEU A 75 -12.26 -11.29 1.46
N ALA A 76 -11.08 -11.89 1.16
CA ALA A 76 -10.41 -12.86 2.02
C ALA A 76 -10.05 -12.17 3.34
N GLY A 77 -9.52 -10.95 3.23
CA GLY A 77 -9.14 -10.14 4.38
C GLY A 77 -10.27 -9.97 5.36
N GLN A 78 -11.45 -9.53 4.86
CA GLN A 78 -12.65 -9.32 5.66
C GLN A 78 -13.12 -10.61 6.33
N LEU A 79 -13.10 -11.73 5.59
CA LEU A 79 -13.53 -13.05 6.09
C LEU A 79 -12.66 -13.52 7.24
N TYR A 80 -11.33 -13.29 7.15
CA TYR A 80 -10.36 -13.62 8.19
C TYR A 80 -10.70 -12.88 9.48
N SER A 81 -10.94 -11.56 9.38
CA SER A 81 -11.35 -10.69 10.49
C SER A 81 -12.61 -11.25 11.13
N GLU A 82 -13.66 -11.47 10.31
CA GLU A 82 -14.94 -12.04 10.72
C GLU A 82 -14.78 -13.39 11.45
N PHE A 83 -13.93 -14.31 10.92
CA PHE A 83 -13.73 -15.63 11.53
C PHE A 83 -12.87 -15.59 12.79
N LYS A 84 -11.86 -14.68 12.83
CA LYS A 84 -10.99 -14.51 14.00
C LYS A 84 -11.81 -14.01 15.20
N GLU A 85 -12.87 -13.21 14.93
CA GLU A 85 -13.77 -12.68 15.96
C GLU A 85 -14.64 -13.79 16.56
N PHE A 86 -15.08 -14.76 15.74
CA PHE A 86 -15.94 -15.86 16.17
C PHE A 86 -15.17 -17.01 16.83
N PHE A 87 -13.92 -17.26 16.39
CA PHE A 87 -13.12 -18.38 16.89
C PHE A 87 -11.75 -17.86 17.42
N PRO A 88 -11.78 -17.15 18.59
CA PRO A 88 -10.53 -16.53 19.09
C PRO A 88 -9.53 -17.51 19.68
N ASN A 89 -10.04 -18.64 20.17
CA ASN A 89 -9.23 -19.67 20.79
C ASN A 89 -8.94 -20.88 19.87
N ASN A 90 -9.13 -20.70 18.55
CA ASN A 90 -8.89 -21.73 17.54
C ASN A 90 -7.90 -21.23 16.50
N ALA A 91 -7.44 -22.09 15.61
CA ALA A 91 -6.49 -21.72 14.58
C ALA A 91 -7.15 -21.11 13.32
N VAL A 92 -7.36 -19.77 13.34
CA VAL A 92 -7.92 -19.06 12.18
C VAL A 92 -6.72 -18.49 11.43
N GLU A 93 -6.47 -19.02 10.24
CA GLU A 93 -5.30 -18.68 9.43
C GLU A 93 -5.61 -18.04 8.08
N TYR A 94 -4.61 -17.35 7.53
CA TYR A 94 -4.67 -16.60 6.27
C TYR A 94 -3.57 -17.07 5.31
N PHE A 95 -3.99 -17.59 4.14
CA PHE A 95 -3.11 -18.13 3.11
C PHE A 95 -3.42 -17.52 1.76
N VAL A 96 -2.65 -16.53 1.39
CA VAL A 96 -2.78 -15.77 0.13
C VAL A 96 -1.36 -15.66 -0.52
N SER A 97 -1.21 -15.09 -1.73
CA SER A 97 0.13 -14.96 -2.33
C SER A 97 1.04 -13.98 -1.57
N TYR A 98 2.33 -14.36 -1.37
CA TYR A 98 3.25 -13.43 -0.70
C TYR A 98 3.83 -12.35 -1.60
N TYR A 99 3.53 -12.35 -2.89
CA TYR A 99 4.04 -11.31 -3.78
C TYR A 99 3.22 -10.04 -3.69
N ASP A 100 3.89 -8.90 -3.45
CA ASP A 100 3.21 -7.60 -3.44
C ASP A 100 2.95 -7.14 -4.88
N TYR A 101 3.81 -7.55 -5.82
CA TYR A 101 3.69 -7.29 -7.23
C TYR A 101 4.26 -8.52 -7.94
N TYR A 102 3.53 -9.09 -8.93
CA TYR A 102 4.03 -10.23 -9.71
C TYR A 102 3.79 -10.08 -11.21
N GLN A 103 4.86 -9.82 -11.98
CA GLN A 103 4.80 -9.75 -13.41
C GLN A 103 5.38 -11.10 -13.90
N PRO A 104 4.54 -12.02 -14.38
CA PRO A 104 5.07 -13.31 -14.84
C PRO A 104 5.92 -13.16 -16.10
N GLU A 105 6.83 -14.12 -16.32
CA GLU A 105 7.69 -14.13 -17.51
C GLU A 105 6.78 -14.50 -18.66
N ALA A 106 6.82 -13.71 -19.74
CA ALA A 106 5.95 -13.88 -20.90
C ALA A 106 6.59 -13.39 -22.18
N TYR A 107 6.02 -13.83 -23.31
CA TYR A 107 6.41 -13.46 -24.66
C TYR A 107 5.20 -12.96 -25.42
N VAL A 108 5.34 -11.80 -26.07
CA VAL A 108 4.29 -11.17 -26.86
C VAL A 108 4.65 -11.36 -28.33
N PRO A 109 4.16 -12.48 -28.96
CA PRO A 109 4.49 -12.75 -30.37
C PRO A 109 4.00 -11.66 -31.31
N GLN A 110 2.85 -11.04 -30.92
CA GLN A 110 2.20 -9.92 -31.58
C GLN A 110 3.23 -8.78 -31.91
N THR A 111 4.30 -8.64 -31.08
CA THR A 111 5.34 -7.61 -31.22
C THR A 111 6.80 -8.12 -31.04
N ASP A 112 7.02 -9.46 -30.92
CA ASP A 112 8.34 -10.11 -30.70
C ASP A 112 9.05 -9.60 -29.39
N THR A 113 8.23 -9.25 -28.39
CA THR A 113 8.67 -8.70 -27.11
C THR A 113 8.67 -9.74 -25.99
N PHE A 114 9.78 -9.79 -25.25
CA PHE A 114 9.95 -10.66 -24.10
C PHE A 114 9.87 -9.87 -22.79
N ILE A 115 8.95 -10.31 -21.91
CA ILE A 115 8.71 -9.71 -20.60
C ILE A 115 9.36 -10.58 -19.57
N GLU A 116 10.40 -10.05 -18.89
CA GLU A 116 11.12 -10.76 -17.82
C GLU A 116 10.23 -10.80 -16.58
N LYS A 117 10.33 -11.88 -15.78
CA LYS A 117 9.57 -11.99 -14.53
C LYS A 117 10.11 -10.92 -13.56
N ASP A 118 9.19 -10.18 -12.92
CA ASP A 118 9.54 -9.17 -11.92
C ASP A 118 8.57 -9.31 -10.77
N ALA A 119 9.10 -9.59 -9.57
CA ALA A 119 8.26 -9.78 -8.39
C ALA A 119 8.88 -9.26 -7.09
N SER A 120 8.00 -8.89 -6.12
CA SER A 120 8.36 -8.34 -4.81
C SER A 120 7.58 -9.06 -3.71
N ILE A 121 8.30 -9.77 -2.83
CA ILE A 121 7.74 -10.57 -1.71
C ILE A 121 7.40 -9.74 -0.47
N ASN A 122 6.20 -9.95 0.08
CA ASN A 122 5.74 -9.36 1.33
C ASN A 122 6.04 -10.40 2.41
N ASP A 123 7.03 -10.09 3.26
CA ASP A 123 7.47 -10.99 4.32
C ASP A 123 6.44 -11.30 5.40
N GLU A 124 5.54 -10.35 5.72
CA GLU A 124 4.47 -10.52 6.71
C GLU A 124 3.48 -11.61 6.25
N ILE A 125 3.17 -11.62 4.93
CA ILE A 125 2.25 -12.57 4.31
C ILE A 125 2.91 -13.94 4.32
N ASP A 126 4.23 -14.00 4.03
CA ASP A 126 5.00 -15.24 4.07
C ASP A 126 4.96 -15.91 5.48
N LYS A 127 5.09 -15.08 6.57
CA LYS A 127 4.99 -15.50 7.97
C LYS A 127 3.61 -16.11 8.24
N LEU A 128 2.55 -15.47 7.71
CA LEU A 128 1.15 -15.88 7.84
C LEU A 128 0.88 -17.21 7.17
N ARG A 129 1.50 -17.43 5.99
CA ARG A 129 1.39 -18.64 5.18
C ARG A 129 2.02 -19.81 5.95
N HIS A 130 3.16 -19.53 6.61
CA HIS A 130 3.90 -20.50 7.42
C HIS A 130 3.11 -20.88 8.65
N SER A 131 2.40 -19.89 9.26
CA SER A 131 1.54 -20.12 10.42
C SER A 131 0.41 -21.06 10.03
N ALA A 132 -0.13 -20.87 8.81
CA ALA A 132 -1.21 -21.66 8.23
C ALA A 132 -0.79 -23.10 7.99
N THR A 133 0.29 -23.34 7.17
CA THR A 133 0.80 -24.69 6.85
C THR A 133 1.20 -25.48 8.08
N SER A 134 2.03 -24.87 8.97
CA SER A 134 2.45 -25.56 10.19
C SER A 134 1.29 -25.85 11.17
N ALA A 135 0.21 -25.03 11.15
CA ALA A 135 -0.99 -25.24 12.00
C ALA A 135 -1.72 -26.52 11.64
N LEU A 136 -1.68 -26.91 10.35
CA LEU A 136 -2.37 -28.10 9.86
C LEU A 136 -1.78 -29.42 10.38
N PHE A 137 -0.51 -29.38 10.84
CA PHE A 137 0.20 -30.54 11.42
C PHE A 137 -0.08 -30.63 12.91
N GLU A 138 -0.17 -29.46 13.59
CA GLU A 138 -0.40 -29.34 15.04
C GLU A 138 -1.82 -29.70 15.52
N ARG A 139 -2.85 -29.07 14.95
CA ARG A 139 -4.23 -29.26 15.42
C ARG A 139 -5.28 -29.47 14.33
N ARG A 140 -6.46 -29.99 14.73
CA ARG A 140 -7.57 -30.26 13.83
C ARG A 140 -8.61 -29.10 13.81
N ASP A 141 -8.51 -28.17 14.79
CA ASP A 141 -9.41 -27.01 14.86
C ASP A 141 -8.83 -25.82 14.06
N VAL A 142 -8.69 -26.04 12.74
CA VAL A 142 -8.12 -25.06 11.84
C VAL A 142 -9.13 -24.60 10.81
N ILE A 143 -9.16 -23.28 10.55
CA ILE A 143 -9.95 -22.62 9.52
C ILE A 143 -8.92 -21.81 8.73
N ILE A 144 -8.76 -22.08 7.43
CA ILE A 144 -7.82 -21.35 6.61
C ILE A 144 -8.58 -20.57 5.54
N ILE A 145 -8.45 -19.24 5.59
CA ILE A 145 -9.06 -18.31 4.63
C ILE A 145 -8.00 -18.15 3.60
N ALA A 146 -8.27 -18.66 2.40
CA ALA A 146 -7.32 -18.64 1.30
C ALA A 146 -7.89 -18.14 -0.01
N SER A 147 -6.99 -17.77 -0.91
CA SER A 147 -7.28 -17.36 -2.28
C SER A 147 -6.88 -18.59 -3.14
N VAL A 148 -6.93 -18.44 -4.49
CA VAL A 148 -6.53 -19.50 -5.42
C VAL A 148 -5.10 -19.98 -5.22
N SER A 149 -4.33 -19.30 -4.32
CA SER A 149 -2.97 -19.65 -3.97
C SER A 149 -2.91 -21.07 -3.38
N CYS A 150 -4.08 -21.58 -2.93
CA CYS A 150 -4.27 -22.91 -2.35
C CYS A 150 -4.25 -24.03 -3.41
N ILE A 151 -4.35 -23.69 -4.72
CA ILE A 151 -4.31 -24.67 -5.81
C ILE A 151 -2.98 -24.64 -6.57
N TYR A 152 -2.09 -23.75 -6.16
CA TYR A 152 -0.75 -23.60 -6.71
C TYR A 152 0.25 -24.52 -6.04
N GLY A 153 1.37 -24.74 -6.72
CA GLY A 153 2.46 -25.59 -6.25
C GLY A 153 3.05 -25.22 -4.91
N LEU A 154 3.32 -26.28 -4.11
CA LEU A 154 3.93 -26.26 -2.78
C LEU A 154 4.75 -27.55 -2.65
N GLY A 155 5.59 -27.60 -1.62
CA GLY A 155 6.37 -28.77 -1.34
C GLY A 155 5.52 -29.89 -0.76
N SER A 156 6.06 -31.11 -0.81
CA SER A 156 5.46 -32.31 -0.24
C SER A 156 5.32 -32.04 1.27
N PRO A 157 4.20 -32.48 1.90
CA PRO A 157 4.06 -32.27 3.36
C PRO A 157 5.24 -32.90 4.13
N GLU A 158 5.72 -34.09 3.68
CA GLU A 158 6.89 -34.77 4.25
C GLU A 158 8.16 -33.86 4.14
N GLU A 159 8.37 -33.23 2.97
CA GLU A 159 9.46 -32.28 2.70
C GLU A 159 9.41 -31.06 3.68
N TYR A 160 8.19 -30.55 4.02
CA TYR A 160 7.94 -29.44 4.96
C TYR A 160 8.42 -29.81 6.39
N ARG A 161 8.06 -31.03 6.87
CA ARG A 161 8.45 -31.58 8.17
C ARG A 161 9.99 -31.71 8.30
N GLU A 162 10.68 -32.04 7.18
CA GLU A 162 12.11 -32.20 7.07
C GLU A 162 12.85 -30.85 7.00
N MET A 163 12.44 -29.95 6.09
CA MET A 163 13.08 -28.65 5.88
C MET A 163 12.74 -27.49 6.91
N VAL A 164 12.26 -27.82 8.13
CA VAL A 164 11.96 -26.81 9.17
C VAL A 164 12.58 -27.25 10.50
N VAL A 165 13.47 -26.41 11.06
CA VAL A 165 14.14 -26.70 12.34
C VAL A 165 13.25 -26.27 13.52
N SER A 166 12.53 -27.24 14.10
CA SER A 166 11.64 -27.02 15.22
C SER A 166 12.36 -27.37 16.53
N LEU A 167 12.46 -26.39 17.45
CA LEU A 167 13.14 -26.54 18.74
C LEU A 167 12.21 -26.30 19.90
N ARG A 168 12.30 -27.19 20.91
CA ARG A 168 11.51 -27.15 22.13
C ARG A 168 12.46 -27.03 23.34
N THR A 169 11.98 -26.46 24.47
CA THR A 169 12.81 -26.36 25.67
C THR A 169 12.94 -27.78 26.24
N GLU A 170 14.07 -28.05 26.93
CA GLU A 170 14.44 -29.33 27.53
C GLU A 170 14.57 -30.42 26.48
N MET A 171 14.89 -30.04 25.22
CA MET A 171 15.07 -31.03 24.15
C MET A 171 16.55 -31.47 24.01
N GLU A 172 16.76 -32.78 23.84
CA GLU A 172 18.09 -33.38 23.70
C GLU A 172 18.50 -33.34 22.21
N ILE A 173 19.54 -32.52 21.94
CA ILE A 173 20.14 -32.30 20.62
C ILE A 173 21.58 -31.83 20.82
N GLU A 174 22.52 -32.40 20.05
CA GLU A 174 23.93 -32.00 20.12
C GLU A 174 24.06 -30.64 19.42
N ARG A 175 24.65 -29.64 20.13
CA ARG A 175 24.88 -28.27 19.63
C ARG A 175 25.37 -28.32 18.17
N ASN A 176 26.30 -29.27 17.86
CA ASN A 176 26.86 -29.48 16.53
C ASN A 176 25.83 -29.94 15.46
N GLU A 177 24.86 -30.82 15.82
CA GLU A 177 23.81 -31.30 14.91
C GLU A 177 22.85 -30.17 14.58
N LEU A 178 22.56 -29.28 15.58
CA LEU A 178 21.69 -28.10 15.40
C LEU A 178 22.29 -27.26 14.29
N LEU A 179 23.62 -27.01 14.38
CA LEU A 179 24.35 -26.24 13.38
C LEU A 179 24.21 -26.87 11.99
N ARG A 180 24.42 -28.22 11.90
CA ARG A 180 24.29 -28.97 10.65
C ARG A 180 22.86 -28.80 10.07
N LYS A 181 21.83 -28.94 10.94
CA LYS A 181 20.41 -28.82 10.57
C LYS A 181 20.10 -27.40 10.06
N LEU A 182 20.85 -26.38 10.56
CA LEU A 182 20.71 -24.98 10.17
C LEU A 182 21.40 -24.73 8.83
N VAL A 183 22.65 -25.25 8.66
CA VAL A 183 23.36 -25.12 7.39
C VAL A 183 22.56 -25.81 6.29
N ASP A 184 22.00 -27.02 6.62
CA ASP A 184 21.15 -27.81 5.72
C ASP A 184 19.96 -26.98 5.17
N ILE A 185 19.51 -25.94 5.91
CA ILE A 185 18.42 -25.07 5.48
C ILE A 185 18.89 -23.67 5.00
N GLN A 186 20.09 -23.60 4.37
CA GLN A 186 20.71 -22.36 3.82
C GLN A 186 21.26 -21.23 4.81
N TYR A 187 21.46 -21.56 6.06
CA TYR A 187 22.06 -20.59 6.94
C TYR A 187 23.54 -20.76 6.87
N ALA A 188 24.25 -19.65 6.96
CA ALA A 188 25.71 -19.65 7.01
C ALA A 188 26.16 -19.37 8.42
N ARG A 189 27.41 -19.67 8.76
CA ARG A 189 27.89 -19.33 10.10
C ARG A 189 28.79 -18.09 10.01
N ASN A 190 28.54 -17.10 10.86
CA ASN A 190 29.26 -15.84 10.86
C ASN A 190 29.27 -15.28 12.25
N ASP A 191 30.35 -15.52 12.99
CA ASP A 191 30.52 -15.03 14.36
C ASP A 191 31.09 -13.62 14.30
N ILE A 192 31.72 -13.26 13.16
CA ILE A 192 32.36 -11.95 12.93
C ILE A 192 31.36 -10.91 12.42
N ASP A 193 30.57 -11.28 11.38
CA ASP A 193 29.60 -10.37 10.76
C ASP A 193 28.18 -10.97 10.85
N PHE A 194 27.60 -10.93 12.07
CA PHE A 194 26.27 -11.48 12.36
C PHE A 194 25.14 -10.69 11.72
N GLN A 195 24.31 -11.36 10.90
CA GLN A 195 23.21 -10.76 10.15
C GLN A 195 22.18 -11.81 9.74
N ARG A 196 21.07 -11.32 9.13
CA ARG A 196 19.98 -12.13 8.56
C ARG A 196 20.60 -13.25 7.72
N GLY A 197 20.05 -14.45 7.86
CA GLY A 197 20.53 -15.64 7.14
C GLY A 197 21.71 -16.35 7.77
N THR A 198 22.29 -15.79 8.85
CA THR A 198 23.44 -16.37 9.54
C THR A 198 23.11 -16.74 11.01
N PHE A 199 24.02 -17.52 11.63
CA PHE A 199 23.97 -17.92 13.03
C PHE A 199 25.36 -17.81 13.59
N ARG A 200 25.47 -17.49 14.89
CA ARG A 200 26.75 -17.36 15.56
C ARG A 200 26.78 -18.22 16.81
N VAL A 201 27.97 -18.70 17.20
CA VAL A 201 28.12 -19.49 18.42
C VAL A 201 28.94 -18.68 19.39
N ARG A 202 28.29 -18.11 20.43
CA ARG A 202 29.01 -17.34 21.43
C ARG A 202 29.66 -18.33 22.44
N GLY A 203 28.93 -18.78 23.46
CA GLY A 203 29.45 -19.73 24.45
C GLY A 203 28.72 -21.03 24.29
N ASP A 204 27.90 -21.39 25.29
CA ASP A 204 27.02 -22.56 25.20
C ASP A 204 25.69 -22.00 24.60
N VAL A 205 25.84 -21.01 23.70
CA VAL A 205 24.75 -20.27 23.06
C VAL A 205 24.87 -20.24 21.53
N VAL A 206 23.72 -20.44 20.86
CA VAL A 206 23.56 -20.35 19.42
C VAL A 206 22.51 -19.24 19.17
N GLU A 207 22.91 -18.15 18.51
CA GLU A 207 22.03 -17.03 18.17
C GLU A 207 21.75 -17.16 16.68
N ILE A 208 20.46 -17.21 16.31
CA ILE A 208 20.02 -17.40 14.92
C ILE A 208 19.28 -16.16 14.44
N PHE A 209 19.70 -15.64 13.28
CA PHE A 209 19.15 -14.44 12.68
C PHE A 209 18.39 -14.70 11.36
N PRO A 210 17.04 -14.93 11.37
CA PRO A 210 16.34 -15.15 10.08
C PRO A 210 16.03 -13.88 9.27
N ARG A 213 12.52 -10.26 6.89
CA ARG A 213 12.31 -8.94 7.50
C ARG A 213 12.08 -9.04 8.99
N ASP A 214 11.82 -7.89 9.61
CA ASP A 214 11.62 -7.79 11.03
C ASP A 214 12.84 -8.19 11.87
N GLU A 215 13.70 -7.22 12.15
CA GLU A 215 15.00 -7.42 12.81
C GLU A 215 14.89 -8.12 14.19
N HIS A 216 14.51 -9.44 14.15
CA HIS A 216 14.27 -10.37 15.27
C HIS A 216 15.20 -11.57 15.17
N CYS A 217 15.61 -12.11 16.33
CA CYS A 217 16.47 -13.28 16.34
C CYS A 217 16.39 -14.11 17.63
N VAL A 218 16.45 -15.42 17.44
CA VAL A 218 16.30 -16.52 18.40
C VAL A 218 17.62 -16.82 19.08
N ARG A 219 17.64 -16.82 20.43
CA ARG A 219 18.83 -17.13 21.23
C ARG A 219 18.62 -18.41 22.02
N VAL A 220 19.32 -19.44 21.57
CA VAL A 220 19.26 -20.78 22.12
C VAL A 220 20.42 -20.99 23.07
N GLU A 221 20.10 -21.16 24.37
CA GLU A 221 21.07 -21.43 25.43
C GLU A 221 21.06 -22.94 25.69
N PHE A 222 22.26 -23.56 25.70
CA PHE A 222 22.45 -24.99 25.91
C PHE A 222 23.03 -25.31 27.30
N PHE A 223 22.45 -26.33 27.97
CA PHE A 223 22.83 -26.81 29.32
C PHE A 223 24.00 -27.80 29.28
N GLY A 224 24.15 -28.46 28.14
CA GLY A 224 25.16 -29.47 27.85
C GLY A 224 24.87 -30.18 26.54
N ASP A 225 23.63 -30.64 26.37
CA ASP A 225 23.11 -31.34 25.19
C ASP A 225 21.59 -31.22 25.18
N GLU A 226 21.11 -30.38 26.08
CA GLU A 226 19.72 -30.08 26.32
C GLU A 226 19.54 -28.59 26.10
N ILE A 227 18.45 -28.19 25.42
CA ILE A 227 18.16 -26.79 25.16
C ILE A 227 17.63 -26.20 26.48
N GLU A 228 18.54 -25.51 27.22
CA GLU A 228 18.22 -24.91 28.52
C GLU A 228 17.14 -23.81 28.40
N ARG A 229 17.29 -22.84 27.46
CA ARG A 229 16.33 -21.75 27.24
C ARG A 229 16.36 -21.22 25.81
N ILE A 230 15.20 -20.71 25.33
CA ILE A 230 14.96 -20.14 23.99
C ILE A 230 14.32 -18.75 24.16
N ARG A 231 14.98 -17.69 23.70
CA ARG A 231 14.39 -16.35 23.83
C ARG A 231 14.60 -15.42 22.65
N GLU A 232 13.52 -14.70 22.26
CA GLU A 232 13.50 -13.72 21.18
C GLU A 232 14.20 -12.41 21.61
N VAL A 233 15.02 -11.83 20.70
CA VAL A 233 15.79 -10.60 20.96
C VAL A 233 15.55 -9.59 19.82
N ASP A 234 15.35 -8.29 20.16
CA ASP A 234 15.22 -7.27 19.10
C ASP A 234 16.63 -6.96 18.63
N ALA A 235 16.87 -7.14 17.33
CA ALA A 235 18.20 -6.97 16.73
C ALA A 235 18.75 -5.56 16.79
N LEU A 236 17.89 -4.57 16.53
CA LEU A 236 18.23 -3.13 16.52
C LEU A 236 18.47 -2.51 17.90
N THR A 237 17.99 -3.16 18.98
CA THR A 237 18.12 -2.68 20.37
C THR A 237 18.83 -3.63 21.33
N GLY A 238 18.66 -4.92 21.10
CA GLY A 238 19.23 -5.96 21.95
C GLY A 238 18.42 -6.20 23.20
N GLU A 239 17.10 -5.86 23.12
CA GLU A 239 16.16 -6.03 24.21
C GLU A 239 15.63 -7.44 24.14
N ILE A 240 15.66 -8.15 25.29
CA ILE A 240 15.18 -9.53 25.34
C ILE A 240 13.64 -9.58 25.27
N LEU A 241 13.11 -9.31 24.05
CA LEU A 241 11.71 -9.23 23.60
C LEU A 241 10.70 -10.25 24.21
N GLY A 242 11.20 -11.35 24.79
CA GLY A 242 10.37 -12.38 25.40
C GLY A 242 10.96 -13.78 25.34
N ASP A 243 10.64 -14.61 26.37
CA ASP A 243 11.11 -16.00 26.51
C ASP A 243 10.13 -16.99 25.87
N ARG A 244 10.66 -17.97 25.10
CA ARG A 244 9.86 -18.98 24.37
C ARG A 244 10.08 -20.43 24.87
N ASP A 245 9.10 -21.32 24.56
CA ASP A 245 9.10 -22.75 24.91
C ASP A 245 9.26 -23.62 23.64
N HIS A 246 8.77 -23.10 22.51
CA HIS A 246 8.84 -23.74 21.21
C HIS A 246 9.25 -22.70 20.18
N VAL A 247 9.92 -23.13 19.10
CA VAL A 247 10.31 -22.25 17.99
C VAL A 247 10.57 -23.02 16.71
N ALA A 248 10.12 -22.47 15.57
CA ALA A 248 10.33 -23.11 14.28
C ALA A 248 11.11 -22.18 13.38
N ILE A 249 12.34 -22.62 13.04
CA ILE A 249 13.24 -21.87 12.18
C ILE A 249 12.94 -22.26 10.74
N PHE A 250 12.77 -21.25 9.87
CA PHE A 250 12.51 -21.48 8.46
C PHE A 250 13.72 -21.12 7.59
N PRO A 251 13.90 -21.79 6.41
CA PRO A 251 15.09 -21.54 5.59
C PRO A 251 15.36 -20.08 5.20
N ALA A 252 16.66 -19.70 5.18
CA ALA A 252 17.16 -18.37 4.83
C ALA A 252 16.89 -18.01 3.36
N SER A 253 16.88 -19.01 2.45
CA SER A 253 16.56 -18.78 1.03
C SER A 253 15.01 -18.74 0.85
N HIS A 254 14.55 -18.41 -0.38
CA HIS A 254 13.11 -18.34 -0.72
C HIS A 254 12.64 -19.61 -1.49
N PHE A 255 13.60 -20.51 -1.79
CA PHE A 255 13.39 -21.78 -2.51
C PHE A 255 14.18 -22.92 -1.83
N VAL A 256 15.53 -22.74 -1.71
CA VAL A 256 16.49 -23.68 -1.12
C VAL A 256 16.26 -25.17 -1.46
N THR A 257 16.94 -25.64 -2.52
CA THR A 257 16.84 -27.01 -3.02
C THR A 257 17.67 -27.96 -2.15
N ARG A 258 17.22 -29.24 -2.03
CA ARG A 258 17.90 -30.30 -1.28
C ARG A 258 19.21 -30.61 -2.04
N ALA A 259 20.36 -30.19 -1.47
CA ALA A 259 21.74 -30.30 -2.03
C ALA A 259 22.18 -31.64 -2.63
N GLU A 260 21.74 -32.76 -2.00
CA GLU A 260 22.06 -34.14 -2.38
C GLU A 260 21.57 -34.49 -3.80
N LYS A 261 20.24 -34.43 -3.98
CA LYS A 261 19.53 -34.77 -5.21
C LYS A 261 19.65 -33.76 -6.39
N MET A 262 20.62 -32.80 -6.30
CA MET A 262 20.78 -31.71 -7.27
C MET A 262 21.57 -32.04 -8.53
N GLU A 263 22.60 -32.90 -8.42
CA GLU A 263 23.45 -33.26 -9.56
C GLU A 263 22.71 -34.07 -10.62
N LYS A 264 21.84 -35.03 -10.19
CA LYS A 264 21.04 -35.88 -11.08
C LYS A 264 20.02 -35.04 -11.83
N ALA A 265 19.48 -34.02 -11.15
CA ALA A 265 18.53 -33.06 -11.70
C ALA A 265 19.16 -32.27 -12.87
N ILE A 266 20.40 -31.74 -12.67
CA ILE A 266 21.16 -31.00 -13.69
C ILE A 266 21.45 -31.92 -14.90
N GLN A 267 21.77 -33.21 -14.64
CA GLN A 267 22.02 -34.21 -15.69
C GLN A 267 20.73 -34.44 -16.50
N ASN A 268 19.57 -34.52 -15.81
CA ASN A 268 18.26 -34.73 -16.42
C ASN A 268 17.76 -33.61 -17.30
N ILE A 269 18.01 -32.34 -16.90
CA ILE A 269 17.63 -31.14 -17.67
C ILE A 269 18.42 -31.17 -18.99
N GLU A 270 19.77 -31.33 -18.91
CA GLU A 270 20.66 -31.42 -20.07
C GLU A 270 20.18 -32.52 -21.04
N LYS A 271 19.67 -33.65 -20.50
CA LYS A 271 19.14 -34.74 -21.30
C LYS A 271 17.87 -34.30 -22.07
N GLU A 272 16.99 -33.50 -21.41
CA GLU A 272 15.75 -32.97 -22.01
C GLU A 272 16.08 -31.90 -23.04
N LEU A 273 17.10 -31.06 -22.74
CA LEU A 273 17.58 -29.98 -23.59
C LEU A 273 18.12 -30.52 -24.90
N GLU A 274 18.96 -31.56 -24.84
CA GLU A 274 19.52 -32.16 -26.04
C GLU A 274 18.41 -32.74 -26.90
N GLU A 275 17.43 -33.42 -26.29
CA GLU A 275 16.29 -34.01 -27.01
C GLU A 275 15.42 -32.94 -27.68
N GLN A 276 15.22 -31.80 -27.00
CA GLN A 276 14.44 -30.67 -27.49
C GLN A 276 15.13 -29.92 -28.64
N LEU A 277 16.46 -29.97 -28.65
CA LEU A 277 17.24 -29.32 -29.70
C LEU A 277 17.17 -30.13 -31.00
N LYS A 278 17.22 -31.49 -30.91
CA LYS A 278 17.12 -32.36 -32.10
C LYS A 278 15.75 -32.11 -32.73
N VAL A 279 14.72 -31.93 -31.86
CA VAL A 279 13.32 -31.65 -32.19
C VAL A 279 13.16 -30.31 -32.92
N MET A 280 13.68 -29.23 -32.33
CA MET A 280 13.62 -27.87 -32.89
C MET A 280 14.38 -27.75 -34.21
N HIS A 281 15.47 -28.51 -34.37
CA HIS A 281 16.29 -28.51 -35.57
C HIS A 281 15.63 -29.27 -36.67
N GLU A 282 15.14 -30.48 -36.37
CA GLU A 282 14.43 -31.32 -37.35
C GLU A 282 13.00 -30.77 -37.61
N ASN A 283 12.83 -29.46 -37.35
CA ASN A 283 11.60 -28.67 -37.51
C ASN A 283 11.86 -27.30 -38.17
N GLY A 284 13.14 -26.95 -38.29
CA GLY A 284 13.59 -25.69 -38.89
C GLY A 284 13.57 -24.48 -37.99
N LYS A 285 13.16 -24.65 -36.71
CA LYS A 285 13.06 -23.57 -35.73
C LYS A 285 14.46 -23.26 -35.10
N LEU A 286 15.40 -22.74 -35.92
CA LEU A 286 16.79 -22.42 -35.57
C LEU A 286 17.02 -21.23 -34.62
N LEU A 287 16.24 -20.15 -34.74
CA LEU A 287 16.39 -18.98 -33.87
C LEU A 287 15.97 -19.37 -32.45
N GLU A 288 14.84 -20.10 -32.36
CA GLU A 288 14.26 -20.62 -31.13
C GLU A 288 15.23 -21.63 -30.49
N ALA A 289 15.94 -22.42 -31.33
CA ALA A 289 16.87 -23.42 -30.83
C ALA A 289 18.13 -22.78 -30.26
N GLN A 290 18.56 -21.65 -30.84
CA GLN A 290 19.72 -20.90 -30.39
C GLN A 290 19.40 -20.27 -29.02
N ARG A 291 18.20 -19.66 -28.91
CA ARG A 291 17.68 -19.01 -27.71
C ARG A 291 17.55 -20.01 -26.55
N LEU A 292 17.07 -21.24 -26.86
CA LEU A 292 16.92 -22.27 -25.85
C LEU A 292 18.27 -22.71 -25.27
N GLU A 293 19.24 -23.06 -26.13
CA GLU A 293 20.54 -23.48 -25.64
C GLU A 293 21.16 -22.39 -24.76
N GLN A 294 21.22 -21.14 -25.28
CA GLN A 294 21.78 -19.96 -24.60
C GLN A 294 21.18 -19.78 -23.21
N ARG A 295 19.84 -19.76 -23.12
CA ARG A 295 19.13 -19.59 -21.86
C ARG A 295 19.29 -20.79 -20.90
N THR A 296 19.13 -22.02 -21.39
CA THR A 296 19.26 -23.21 -20.55
C THR A 296 20.67 -23.39 -20.05
N ARG A 297 21.67 -23.42 -20.95
CA ARG A 297 23.08 -23.59 -20.57
C ARG A 297 23.55 -22.57 -19.54
N TYR A 298 23.06 -21.32 -19.62
CA TYR A 298 23.40 -20.27 -18.65
C TYR A 298 22.87 -20.64 -17.26
N ASP A 299 21.57 -20.98 -17.18
CA ASP A 299 20.86 -21.35 -15.95
C ASP A 299 21.53 -22.54 -15.24
N LEU A 300 22.01 -23.51 -16.04
CA LEU A 300 22.69 -24.70 -15.53
C LEU A 300 24.05 -24.38 -14.90
N GLU A 301 24.75 -23.37 -15.44
CA GLU A 301 26.04 -22.97 -14.88
C GLU A 301 25.82 -22.19 -13.59
N MET A 302 24.75 -21.39 -13.55
CA MET A 302 24.32 -20.61 -12.39
C MET A 302 23.93 -21.56 -11.25
N MET A 303 23.29 -22.69 -11.60
CA MET A 303 22.92 -23.72 -10.64
C MET A 303 24.16 -24.41 -10.08
N ARG A 304 25.12 -24.84 -10.95
CA ARG A 304 26.33 -25.56 -10.54
C ARG A 304 27.21 -24.76 -9.58
N GLU A 305 27.30 -23.43 -9.81
CA GLU A 305 28.08 -22.52 -8.99
C GLU A 305 27.34 -22.15 -7.70
N MET A 306 26.28 -21.33 -7.80
CA MET A 306 25.49 -20.84 -6.66
C MET A 306 24.64 -21.93 -6.02
N GLY A 307 23.88 -22.65 -6.85
CA GLY A 307 22.93 -23.67 -6.41
C GLY A 307 21.51 -23.21 -6.74
N PHE A 308 21.39 -21.92 -7.09
CA PHE A 308 20.15 -21.24 -7.47
C PHE A 308 20.36 -20.56 -8.82
N CYS A 309 19.26 -20.15 -9.45
CA CYS A 309 19.21 -19.38 -10.69
C CYS A 309 17.87 -18.64 -10.74
N SER A 310 17.77 -17.56 -11.54
CA SER A 310 16.48 -16.88 -11.66
C SER A 310 15.54 -17.81 -12.45
N GLY A 311 14.33 -17.97 -11.92
CA GLY A 311 13.32 -18.82 -12.53
C GLY A 311 13.59 -20.30 -12.34
N ILE A 312 14.26 -20.66 -11.21
CA ILE A 312 14.59 -22.04 -10.82
C ILE A 312 13.35 -22.91 -10.70
N GLU A 313 12.21 -22.24 -10.38
CA GLU A 313 10.88 -22.82 -10.26
C GLU A 313 10.46 -23.56 -11.53
N ASN A 314 10.94 -23.08 -12.71
CA ASN A 314 10.62 -23.69 -13.99
C ASN A 314 11.19 -25.11 -14.09
N TYR A 315 12.31 -25.34 -13.39
CA TYR A 315 13.02 -26.61 -13.38
C TYR A 315 12.50 -27.55 -12.30
N SER A 316 11.59 -27.08 -11.42
CA SER A 316 10.96 -27.83 -10.31
C SER A 316 10.73 -29.33 -10.48
N ARG A 317 10.10 -29.78 -11.61
CA ARG A 317 9.85 -31.21 -11.87
C ARG A 317 11.15 -32.05 -11.85
N HIS A 318 12.22 -31.52 -12.46
CA HIS A 318 13.52 -32.16 -12.51
C HIS A 318 14.22 -32.15 -11.16
N LEU A 319 14.04 -31.08 -10.37
CA LEU A 319 14.66 -30.93 -9.04
C LEU A 319 14.06 -31.89 -8.00
N THR A 320 12.77 -32.27 -8.15
CA THR A 320 12.10 -33.18 -7.24
C THR A 320 12.21 -34.63 -7.72
N LEU A 321 12.84 -34.82 -8.91
CA LEU A 321 13.07 -36.12 -9.57
C LEU A 321 11.77 -36.89 -9.83
N ARG A 322 10.64 -36.18 -9.78
CA ARG A 322 9.27 -36.66 -10.02
C ARG A 322 9.09 -36.99 -11.51
N PRO A 323 8.12 -37.87 -11.89
CA PRO A 323 7.96 -38.18 -13.32
C PRO A 323 7.28 -37.07 -14.14
N PRO A 324 7.44 -37.04 -15.50
CA PRO A 324 6.75 -36.01 -16.30
C PRO A 324 5.24 -36.19 -16.26
N GLY A 325 4.52 -35.07 -16.32
CA GLY A 325 3.05 -35.06 -16.28
C GLY A 325 2.48 -34.95 -14.88
N SER A 326 3.28 -35.35 -13.86
CA SER A 326 2.98 -35.36 -12.43
C SER A 326 2.19 -34.15 -11.90
N THR A 327 1.21 -34.44 -10.99
CA THR A 327 0.32 -33.48 -10.33
C THR A 327 1.11 -32.80 -9.20
N PRO A 328 1.06 -31.45 -9.08
CA PRO A 328 1.82 -30.77 -8.00
C PRO A 328 1.25 -30.96 -6.60
N TYR A 329 2.11 -30.81 -5.58
CA TYR A 329 1.64 -30.83 -4.19
C TYR A 329 1.05 -29.44 -3.87
N THR A 330 -0.14 -29.39 -3.27
CA THR A 330 -0.83 -28.12 -2.94
C THR A 330 -1.20 -28.03 -1.45
N LEU A 331 -1.72 -26.85 -1.00
CA LEU A 331 -2.15 -26.71 0.39
C LEU A 331 -3.19 -27.79 0.72
N LEU A 332 -4.01 -28.17 -0.27
CA LEU A 332 -5.03 -29.20 -0.14
C LEU A 332 -4.50 -30.56 0.35
N ASP A 333 -3.20 -30.86 0.08
CA ASP A 333 -2.54 -32.11 0.49
C ASP A 333 -2.16 -32.11 1.98
N TYR A 334 -1.98 -30.91 2.58
CA TYR A 334 -1.65 -30.73 3.99
C TYR A 334 -2.90 -30.90 4.90
N PHE A 335 -4.11 -30.93 4.28
CA PHE A 335 -5.37 -31.12 4.98
C PHE A 335 -5.68 -32.60 5.11
N PRO A 336 -6.38 -33.00 6.22
CA PRO A 336 -6.76 -34.42 6.37
C PRO A 336 -7.76 -34.86 5.32
N ASP A 337 -7.84 -36.18 5.05
CA ASP A 337 -8.82 -36.77 4.11
C ASP A 337 -10.21 -36.22 4.38
N ASP A 338 -10.63 -36.22 5.69
CA ASP A 338 -11.90 -35.71 6.19
C ASP A 338 -11.75 -34.22 6.51
N PHE A 339 -11.99 -33.34 5.50
CA PHE A 339 -11.94 -31.89 5.62
C PHE A 339 -13.02 -31.18 4.76
N MET A 340 -13.42 -29.98 5.19
CA MET A 340 -14.46 -29.20 4.51
C MET A 340 -13.91 -27.99 3.77
N ILE A 341 -14.58 -27.66 2.66
CA ILE A 341 -14.27 -26.53 1.80
C ILE A 341 -15.53 -25.65 1.77
N VAL A 342 -15.34 -24.33 1.88
CA VAL A 342 -16.43 -23.37 1.77
C VAL A 342 -16.01 -22.34 0.74
N VAL A 343 -16.75 -22.28 -0.39
CA VAL A 343 -16.46 -21.36 -1.50
C VAL A 343 -17.29 -20.06 -1.37
N ASP A 344 -16.67 -18.91 -1.05
CA ASP A 344 -17.43 -17.66 -1.01
C ASP A 344 -17.58 -17.10 -2.44
N GLU A 345 -18.78 -16.53 -2.78
CA GLU A 345 -19.14 -15.98 -4.11
C GLU A 345 -18.78 -17.01 -5.18
N SER A 346 -19.23 -18.25 -4.98
CA SER A 346 -18.95 -19.41 -5.79
C SER A 346 -19.00 -19.17 -7.26
N HIS A 347 -20.04 -18.45 -7.76
CA HIS A 347 -20.27 -18.11 -9.17
C HIS A 347 -19.13 -17.28 -9.75
N VAL A 348 -18.23 -16.78 -8.88
CA VAL A 348 -17.06 -16.01 -9.28
C VAL A 348 -15.79 -16.84 -9.09
N THR A 349 -15.67 -17.48 -7.91
CA THR A 349 -14.52 -18.28 -7.51
C THR A 349 -14.38 -19.53 -8.37
N ILE A 350 -15.47 -20.32 -8.52
CA ILE A 350 -15.43 -21.54 -9.32
C ILE A 350 -14.84 -21.29 -10.72
N PRO A 351 -15.34 -20.31 -11.53
CA PRO A 351 -14.72 -20.06 -12.85
C PRO A 351 -13.25 -19.65 -12.76
N GLN A 352 -12.88 -18.88 -11.66
CA GLN A 352 -11.52 -18.43 -11.38
C GLN A 352 -10.61 -19.62 -11.19
N VAL A 353 -10.96 -20.53 -10.23
CA VAL A 353 -10.21 -21.74 -9.89
C VAL A 353 -10.01 -22.59 -11.15
N ARG A 354 -11.12 -22.82 -11.88
CA ARG A 354 -11.21 -23.57 -13.12
C ARG A 354 -10.32 -22.98 -14.19
N GLY A 355 -10.19 -21.65 -14.20
CA GLY A 355 -9.43 -20.91 -15.19
C GLY A 355 -7.94 -20.74 -14.99
N MET A 356 -7.37 -20.95 -13.75
CA MET A 356 -5.93 -20.77 -13.48
C MET A 356 -5.03 -21.69 -14.27
N PHE A 357 -5.38 -23.01 -14.37
CA PHE A 357 -4.59 -23.99 -15.16
C PHE A 357 -4.51 -23.61 -16.63
N ASN A 358 -5.66 -23.32 -17.28
CA ASN A 358 -5.71 -22.99 -18.70
C ASN A 358 -4.90 -21.79 -19.10
N GLY A 359 -4.93 -20.74 -18.30
CA GLY A 359 -4.17 -19.52 -18.52
C GLY A 359 -2.68 -19.73 -18.38
N ASP A 360 -2.27 -20.45 -17.31
CA ASP A 360 -0.90 -20.79 -16.96
C ASP A 360 -0.26 -21.57 -18.09
N GLN A 361 -0.95 -22.61 -18.55
CA GLN A 361 -0.48 -23.46 -19.62
C GLN A 361 -0.34 -22.68 -20.91
N ALA A 362 -1.34 -21.80 -21.22
CA ALA A 362 -1.40 -20.94 -22.41
C ALA A 362 -0.16 -20.06 -22.50
N ARG A 363 0.16 -19.28 -21.42
CA ARG A 363 1.36 -18.44 -21.32
C ARG A 363 2.63 -19.30 -21.42
N LYS A 364 2.70 -20.41 -20.66
CA LYS A 364 3.88 -21.26 -20.70
C LYS A 364 4.09 -21.96 -22.03
N GLN A 365 2.99 -22.29 -22.76
CA GLN A 365 3.10 -22.94 -24.07
C GLN A 365 3.74 -22.02 -25.08
N VAL A 366 3.33 -20.72 -25.13
CA VAL A 366 3.96 -19.77 -26.04
C VAL A 366 5.46 -19.65 -25.77
N LEU A 367 5.88 -19.57 -24.48
CA LEU A 367 7.30 -19.52 -24.09
C LEU A 367 8.04 -20.77 -24.58
N VAL A 368 7.41 -21.96 -24.46
CA VAL A 368 7.98 -23.23 -24.94
C VAL A 368 8.17 -23.18 -26.47
N ASP A 369 7.10 -22.83 -27.21
CA ASP A 369 7.03 -22.72 -28.68
C ASP A 369 8.14 -21.87 -29.25
N HIS A 370 8.50 -20.75 -28.56
CA HIS A 370 9.53 -19.81 -29.00
C HIS A 370 10.94 -20.03 -28.41
N GLY A 371 11.13 -21.15 -27.73
CA GLY A 371 12.42 -21.51 -27.17
C GLY A 371 12.87 -20.74 -25.95
N PHE A 372 11.93 -20.17 -25.20
CA PHE A 372 12.29 -19.47 -23.98
C PHE A 372 12.42 -20.47 -22.83
N ARG A 373 11.58 -21.53 -22.81
CA ARG A 373 11.61 -22.56 -21.77
C ARG A 373 11.48 -23.95 -22.35
N LEU A 374 11.91 -24.97 -21.60
CA LEU A 374 11.81 -26.37 -22.01
C LEU A 374 10.37 -26.86 -21.77
N PRO A 375 9.91 -27.97 -22.40
CA PRO A 375 8.54 -28.42 -22.14
C PRO A 375 8.22 -28.84 -20.70
N SER A 376 9.26 -29.12 -19.87
CA SER A 376 9.08 -29.49 -18.46
C SER A 376 8.64 -28.30 -17.58
N ALA A 377 8.64 -27.07 -18.17
CA ALA A 377 8.23 -25.86 -17.47
C ALA A 377 6.73 -25.91 -17.18
N LEU A 378 5.97 -26.57 -18.09
CA LEU A 378 4.52 -26.74 -17.98
C LEU A 378 4.15 -27.60 -16.77
N ASP A 379 5.09 -28.46 -16.28
CA ASP A 379 4.90 -29.32 -15.11
C ASP A 379 4.84 -28.56 -13.77
N ASN A 380 5.36 -27.33 -13.78
CA ASN A 380 5.34 -26.39 -12.66
C ASN A 380 4.12 -25.55 -13.00
N ARG A 381 2.97 -25.86 -12.34
CA ARG A 381 1.66 -25.28 -12.67
C ARG A 381 0.66 -25.37 -11.50
N PRO A 382 -0.49 -24.64 -11.57
CA PRO A 382 -1.54 -24.87 -10.57
C PRO A 382 -2.29 -26.17 -10.93
N LEU A 383 -3.25 -26.55 -10.09
CA LEU A 383 -4.04 -27.74 -10.29
C LEU A 383 -5.02 -27.62 -11.45
N ARG A 384 -5.31 -28.77 -12.06
CA ARG A 384 -6.36 -28.90 -13.06
C ARG A 384 -7.65 -28.89 -12.22
N PHE A 385 -8.78 -28.41 -12.80
CA PHE A 385 -10.03 -28.40 -12.06
C PHE A 385 -10.40 -29.84 -11.71
N GLU A 386 -10.16 -30.80 -12.64
CA GLU A 386 -10.34 -32.25 -12.43
C GLU A 386 -9.58 -32.72 -11.18
N GLU A 387 -8.34 -32.23 -11.00
CA GLU A 387 -7.43 -32.53 -9.88
C GLU A 387 -7.98 -31.98 -8.57
N PHE A 388 -8.52 -30.74 -8.62
CA PHE A 388 -9.11 -30.05 -7.48
C PHE A 388 -10.39 -30.75 -7.06
N GLU A 389 -11.15 -31.27 -8.03
CA GLU A 389 -12.41 -31.97 -7.80
C GLU A 389 -12.16 -33.26 -7.01
N LYS A 390 -11.02 -33.92 -7.29
CA LYS A 390 -10.63 -35.19 -6.66
C LYS A 390 -10.32 -35.01 -5.18
N HIS A 391 -10.16 -33.75 -4.73
CA HIS A 391 -9.89 -33.37 -3.34
C HIS A 391 -11.14 -33.01 -2.54
N MET A 392 -12.26 -32.70 -3.20
CA MET A 392 -13.52 -32.32 -2.55
C MET A 392 -14.05 -33.48 -1.73
N HIS A 393 -14.04 -33.35 -0.41
CA HIS A 393 -14.55 -34.38 0.51
C HIS A 393 -15.99 -34.02 0.89
N ASN A 394 -16.17 -32.77 1.37
CA ASN A 394 -17.42 -32.10 1.74
C ASN A 394 -17.28 -30.66 1.29
N ILE A 395 -18.12 -30.24 0.31
CA ILE A 395 -18.05 -28.86 -0.23
C ILE A 395 -19.35 -28.03 -0.10
N VAL A 396 -19.22 -26.77 0.35
CA VAL A 396 -20.36 -25.87 0.48
C VAL A 396 -20.13 -24.60 -0.31
N TYR A 397 -20.91 -24.42 -1.38
CA TYR A 397 -20.84 -23.24 -2.24
C TYR A 397 -21.74 -22.19 -1.66
N VAL A 398 -21.21 -20.98 -1.47
CA VAL A 398 -21.97 -19.88 -0.90
C VAL A 398 -22.03 -18.79 -1.95
N SER A 399 -23.26 -18.36 -2.32
CA SER A 399 -23.49 -17.32 -3.32
C SER A 399 -24.90 -16.81 -3.25
N ALA A 400 -25.12 -15.53 -3.59
CA ALA A 400 -26.48 -14.99 -3.64
C ALA A 400 -27.13 -15.44 -4.96
N THR A 401 -26.29 -15.71 -5.97
CA THR A 401 -26.66 -16.13 -7.32
C THR A 401 -25.76 -17.28 -7.77
N PRO A 402 -25.98 -18.52 -7.24
CA PRO A 402 -25.10 -19.64 -7.62
C PRO A 402 -24.95 -19.88 -9.12
N GLY A 403 -23.74 -20.30 -9.49
CA GLY A 403 -23.36 -20.60 -10.86
C GLY A 403 -23.80 -21.96 -11.36
N PRO A 404 -23.66 -22.19 -12.70
CA PRO A 404 -24.09 -23.46 -13.32
C PRO A 404 -23.50 -24.71 -12.69
N TYR A 405 -22.19 -24.67 -12.32
CA TYR A 405 -21.48 -25.80 -11.70
C TYR A 405 -22.16 -26.24 -10.41
N GLU A 406 -22.38 -25.27 -9.49
CA GLU A 406 -23.00 -25.46 -8.20
C GLU A 406 -24.41 -25.99 -8.40
N ILE A 407 -25.15 -25.44 -9.38
CA ILE A 407 -26.52 -25.86 -9.71
C ILE A 407 -26.55 -27.31 -10.17
N GLU A 408 -25.60 -27.72 -11.02
CA GLU A 408 -25.52 -29.10 -11.52
C GLU A 408 -25.12 -30.13 -10.47
N HIS A 409 -24.37 -29.71 -9.44
CA HIS A 409 -23.84 -30.61 -8.41
C HIS A 409 -24.63 -30.68 -7.11
N THR A 410 -25.44 -29.63 -6.80
CA THR A 410 -26.27 -29.59 -5.60
C THR A 410 -27.63 -30.24 -5.91
N ASP A 411 -28.05 -31.24 -5.10
CA ASP A 411 -29.35 -31.91 -5.31
C ASP A 411 -30.50 -30.98 -4.89
N GLU A 412 -30.39 -30.35 -3.69
CA GLU A 412 -31.38 -29.39 -3.19
C GLU A 412 -30.67 -28.14 -2.68
N MET A 413 -31.19 -26.96 -3.09
CA MET A 413 -30.67 -25.65 -2.69
C MET A 413 -31.04 -25.35 -1.23
N VAL A 414 -30.20 -24.59 -0.53
CA VAL A 414 -30.44 -24.23 0.88
C VAL A 414 -30.60 -22.72 0.93
N GLU A 415 -31.83 -22.24 0.79
CA GLU A 415 -32.10 -20.82 0.77
C GLU A 415 -31.99 -20.17 2.18
N GLN A 416 -31.40 -18.96 2.22
CA GLN A 416 -31.27 -18.10 3.38
C GLN A 416 -31.53 -16.66 2.87
N ILE A 417 -32.83 -16.33 2.71
CA ILE A 417 -33.23 -15.06 2.14
C ILE A 417 -33.74 -14.02 3.12
N ILE A 418 -34.26 -14.45 4.29
CA ILE A 418 -34.78 -13.56 5.34
C ILE A 418 -33.65 -12.81 6.11
N ARG A 419 -33.73 -11.49 6.13
CA ARG A 419 -32.78 -10.62 6.81
C ARG A 419 -33.19 -10.40 8.30
N PRO A 420 -32.22 -10.30 9.25
CA PRO A 420 -32.60 -10.05 10.65
C PRO A 420 -33.22 -8.66 10.83
N THR A 421 -32.76 -7.66 10.05
CA THR A 421 -33.26 -6.27 10.05
C THR A 421 -34.67 -6.14 9.44
N GLY A 422 -35.09 -7.15 8.69
CA GLY A 422 -36.39 -7.17 8.03
C GLY A 422 -36.41 -6.44 6.71
N LEU A 423 -35.25 -5.83 6.34
CA LEU A 423 -35.01 -5.06 5.11
C LEU A 423 -35.36 -5.92 3.87
N LEU A 424 -36.13 -5.36 2.93
CA LEU A 424 -36.58 -6.09 1.72
C LEU A 424 -35.76 -5.79 0.49
N ASP A 425 -35.76 -6.74 -0.47
CA ASP A 425 -35.10 -6.60 -1.79
C ASP A 425 -35.87 -5.53 -2.58
N PRO A 426 -35.19 -4.63 -3.32
CA PRO A 426 -35.89 -3.49 -3.94
C PRO A 426 -37.05 -3.69 -4.93
N LEU A 427 -37.70 -2.57 -5.26
CA LEU A 427 -38.78 -2.50 -6.22
C LEU A 427 -38.13 -2.12 -7.55
N ILE A 428 -38.36 -2.90 -8.60
CA ILE A 428 -37.76 -2.63 -9.90
C ILE A 428 -38.77 -2.03 -10.85
N ASP A 429 -38.44 -0.83 -11.37
CA ASP A 429 -39.26 -0.13 -12.36
C ASP A 429 -38.46 -0.13 -13.66
N VAL A 430 -39.10 -0.51 -14.77
CA VAL A 430 -38.46 -0.51 -16.07
C VAL A 430 -38.99 0.66 -16.88
N ARG A 431 -38.06 1.53 -17.31
CA ARG A 431 -38.40 2.76 -18.03
C ARG A 431 -37.81 2.79 -19.45
N PRO A 432 -38.42 3.55 -20.41
CA PRO A 432 -37.89 3.58 -21.80
C PRO A 432 -36.55 4.29 -21.94
N ILE A 433 -35.80 3.95 -23.00
CA ILE A 433 -34.53 4.60 -23.30
C ILE A 433 -34.75 6.06 -23.76
N GLU A 434 -35.91 6.35 -24.40
CA GLU A 434 -36.27 7.71 -24.86
C GLU A 434 -36.62 8.59 -23.67
N GLY A 435 -35.66 9.45 -23.31
CA GLY A 435 -35.76 10.39 -22.19
C GLY A 435 -35.03 9.89 -20.96
N GLN A 436 -34.18 8.86 -21.16
CA GLN A 436 -33.33 8.18 -20.17
C GLN A 436 -32.76 9.14 -19.14
N ILE A 437 -31.90 10.06 -19.61
CA ILE A 437 -31.16 11.03 -18.79
C ILE A 437 -32.04 11.99 -18.00
N ASP A 438 -32.91 12.77 -18.67
CA ASP A 438 -33.82 13.73 -18.02
C ASP A 438 -34.57 13.10 -16.85
N ASP A 439 -35.02 11.84 -17.05
CA ASP A 439 -35.76 11.02 -16.08
C ASP A 439 -34.88 10.70 -14.89
N LEU A 440 -33.67 10.19 -15.17
CA LEU A 440 -32.64 9.85 -14.20
C LEU A 440 -32.30 11.11 -13.39
N ILE A 441 -32.08 12.27 -14.07
CA ILE A 441 -31.78 13.60 -13.51
C ILE A 441 -32.83 13.99 -12.46
N GLY A 442 -34.09 13.87 -12.82
CA GLY A 442 -35.23 14.15 -11.95
C GLY A 442 -35.26 13.29 -10.71
N GLU A 443 -34.89 11.99 -10.87
CA GLU A 443 -34.80 11.00 -9.79
C GLU A 443 -33.62 11.31 -8.87
N ILE A 444 -32.45 11.70 -9.46
CA ILE A 444 -31.27 12.08 -8.69
C ILE A 444 -31.61 13.33 -7.86
N GLN A 445 -32.15 14.38 -8.53
CA GLN A 445 -32.54 15.65 -7.89
C GLN A 445 -33.45 15.44 -6.67
N ALA A 446 -34.42 14.51 -6.82
CA ALA A 446 -35.40 14.13 -5.81
C ALA A 446 -34.76 13.44 -4.60
N ARG A 447 -33.71 12.63 -4.85
CA ARG A 447 -33.02 11.92 -3.77
C ARG A 447 -32.18 12.85 -2.92
N ILE A 448 -31.63 13.92 -3.55
CA ILE A 448 -30.81 14.92 -2.85
C ILE A 448 -31.66 15.62 -1.80
N GLU A 449 -32.91 15.99 -2.19
CA GLU A 449 -33.91 16.63 -1.33
C GLU A 449 -34.24 15.76 -0.10
N ARG A 450 -34.27 14.42 -0.30
CA ARG A 450 -34.57 13.48 0.77
C ARG A 450 -33.30 12.99 1.54
N ASN A 451 -32.10 13.53 1.18
CA ASN A 451 -30.77 13.16 1.73
C ASN A 451 -30.44 11.68 1.52
N GLU A 452 -30.61 11.22 0.29
CA GLU A 452 -30.34 9.85 -0.11
C GLU A 452 -29.27 9.88 -1.23
N ARG A 453 -28.60 8.73 -1.50
CA ARG A 453 -27.55 8.62 -2.53
C ARG A 453 -27.92 7.72 -3.71
N VAL A 454 -27.34 8.01 -4.90
CA VAL A 454 -27.60 7.26 -6.13
C VAL A 454 -26.31 6.58 -6.67
N LEU A 455 -26.47 5.38 -7.24
CA LEU A 455 -25.40 4.64 -7.91
C LEU A 455 -25.88 4.38 -9.33
N VAL A 456 -25.12 4.81 -10.33
CA VAL A 456 -25.48 4.61 -11.74
C VAL A 456 -24.44 3.74 -12.48
N THR A 457 -24.91 2.83 -13.36
CA THR A 457 -24.08 1.93 -14.18
C THR A 457 -24.24 2.22 -15.67
N THR A 458 -23.13 2.17 -16.40
CA THR A 458 -23.11 2.33 -17.86
C THR A 458 -22.43 1.10 -18.50
N LEU A 459 -22.34 1.06 -19.83
CA LEU A 459 -21.65 -0.06 -20.46
C LEU A 459 -20.22 0.33 -20.79
N THR A 460 -20.03 1.54 -21.35
CA THR A 460 -18.76 2.07 -21.78
C THR A 460 -18.21 3.05 -20.75
N LYS A 461 -16.86 3.17 -20.70
CA LYS A 461 -16.20 4.15 -19.86
C LYS A 461 -16.57 5.52 -20.45
N LYS A 462 -16.55 5.66 -21.81
CA LYS A 462 -16.92 6.89 -22.51
C LYS A 462 -18.33 7.34 -22.09
N MET A 463 -19.33 6.43 -22.16
CA MET A 463 -20.71 6.70 -21.77
C MET A 463 -20.80 7.29 -20.36
N SER A 464 -20.03 6.70 -19.43
CA SER A 464 -19.91 7.03 -18.02
C SER A 464 -19.29 8.44 -17.75
N GLU A 465 -18.13 8.75 -18.41
CA GLU A 465 -17.37 10.02 -18.31
C GLU A 465 -18.25 11.15 -18.76
N ASP A 466 -18.96 10.93 -19.88
CA ASP A 466 -19.89 11.90 -20.46
C ASP A 466 -21.03 12.25 -19.52
N LEU A 467 -21.60 11.26 -18.80
CA LEU A 467 -22.67 11.53 -17.83
C LEU A 467 -22.12 12.28 -16.60
N THR A 468 -20.90 11.94 -16.18
CA THR A 468 -20.25 12.61 -15.03
C THR A 468 -20.04 14.09 -15.35
N ASP A 469 -19.50 14.41 -16.54
CA ASP A 469 -19.23 15.78 -17.00
C ASP A 469 -20.51 16.62 -17.12
N TYR A 470 -21.61 16.01 -17.61
CA TYR A 470 -22.89 16.68 -17.75
C TYR A 470 -23.54 16.90 -16.38
N LEU A 471 -23.49 15.88 -15.49
CA LEU A 471 -24.05 15.99 -14.13
C LEU A 471 -23.29 17.05 -13.32
N LYS A 472 -21.97 17.20 -13.55
CA LYS A 472 -21.14 18.20 -12.88
C LYS A 472 -21.47 19.61 -13.40
N GLU A 473 -21.86 19.71 -14.70
CA GLU A 473 -22.27 20.97 -15.35
C GLU A 473 -23.57 21.50 -14.73
N ILE A 474 -24.55 20.59 -14.51
CA ILE A 474 -25.85 20.88 -13.87
C ILE A 474 -25.64 21.35 -12.39
N GLY A 475 -24.69 20.72 -11.69
CA GLY A 475 -24.35 21.06 -10.32
C GLY A 475 -24.43 19.95 -9.31
N ILE A 476 -24.67 18.71 -9.78
CA ILE A 476 -24.78 17.52 -8.93
C ILE A 476 -23.37 17.07 -8.49
N LYS A 477 -23.16 16.88 -7.16
CA LYS A 477 -21.88 16.44 -6.61
C LYS A 477 -21.69 14.96 -7.00
N VAL A 478 -20.83 14.71 -8.02
CA VAL A 478 -20.61 13.38 -8.61
C VAL A 478 -19.14 12.93 -8.60
N ASN A 479 -18.96 11.59 -8.64
CA ASN A 479 -17.67 10.96 -8.79
C ASN A 479 -17.78 9.75 -9.72
N TYR A 480 -16.87 9.69 -10.71
CA TYR A 480 -16.76 8.62 -11.68
C TYR A 480 -15.76 7.57 -11.14
N LEU A 481 -16.20 6.30 -11.09
CA LEU A 481 -15.38 5.20 -10.63
C LEU A 481 -14.58 4.59 -11.75
N HIS A 482 -13.24 4.67 -11.66
CA HIS A 482 -12.32 4.10 -12.64
C HIS A 482 -12.26 2.59 -12.52
N SER A 483 -12.08 1.87 -13.64
CA SER A 483 -11.98 0.40 -13.76
C SER A 483 -10.87 -0.17 -12.84
N GLU A 484 -9.75 0.57 -12.74
CA GLU A 484 -8.58 0.27 -11.90
C GLU A 484 -8.55 1.24 -10.70
N ILE A 485 -9.01 0.75 -9.54
CA ILE A 485 -9.07 1.54 -8.32
C ILE A 485 -8.44 0.75 -7.18
N LYS A 486 -7.52 1.42 -6.44
CA LYS A 486 -6.78 0.87 -5.31
C LYS A 486 -7.67 0.74 -4.07
N THR A 487 -7.31 -0.23 -3.20
CA THR A 487 -8.03 -0.57 -1.95
C THR A 487 -7.76 0.52 -0.90
N LEU A 488 -8.05 1.77 -1.26
CA LEU A 488 -7.86 2.96 -0.45
C LEU A 488 -8.64 4.02 -1.17
N GLU A 489 -8.40 4.22 -2.48
CA GLU A 489 -9.21 5.11 -3.31
C GLU A 489 -10.68 4.65 -3.23
N ARG A 490 -10.89 3.30 -3.18
CA ARG A 490 -12.20 2.65 -3.00
C ARG A 490 -12.75 3.13 -1.63
N ILE A 491 -12.09 2.73 -0.51
CA ILE A 491 -12.42 3.10 0.89
C ILE A 491 -12.77 4.58 1.09
N GLU A 492 -12.00 5.48 0.42
CA GLU A 492 -12.18 6.93 0.43
C GLU A 492 -13.44 7.35 -0.33
N ILE A 493 -13.69 6.72 -1.50
CA ILE A 493 -14.85 7.00 -2.34
C ILE A 493 -16.21 6.60 -1.70
N ILE A 494 -16.25 5.41 -1.04
CA ILE A 494 -17.41 4.91 -0.32
C ILE A 494 -17.67 5.84 0.89
N ARG A 495 -16.57 6.28 1.57
CA ARG A 495 -16.59 7.19 2.72
C ARG A 495 -17.26 8.55 2.41
N ASP A 496 -16.81 9.21 1.32
CA ASP A 496 -17.27 10.52 0.86
C ASP A 496 -18.72 10.52 0.40
N LEU A 497 -19.14 9.44 -0.28
CA LEU A 497 -20.52 9.26 -0.73
C LEU A 497 -21.41 9.10 0.51
N ARG A 498 -20.95 8.28 1.52
CA ARG A 498 -21.65 8.08 2.79
C ARG A 498 -21.83 9.43 3.52
N LEU A 499 -20.72 10.16 3.73
CA LEU A 499 -20.73 11.46 4.41
C LEU A 499 -21.44 12.57 3.62
N GLY A 500 -21.59 12.38 2.31
CA GLY A 500 -22.28 13.34 1.46
C GLY A 500 -21.43 14.24 0.58
N LYS A 501 -20.08 14.05 0.56
CA LYS A 501 -19.15 14.83 -0.31
C LYS A 501 -19.55 14.65 -1.80
N TYR A 502 -20.21 13.50 -2.12
CA TYR A 502 -20.80 13.12 -3.40
C TYR A 502 -22.22 12.59 -3.16
N ASP A 503 -23.16 12.96 -4.02
CA ASP A 503 -24.52 12.44 -3.90
C ASP A 503 -24.77 11.31 -4.89
N VAL A 504 -24.02 11.27 -6.01
CA VAL A 504 -24.15 10.25 -7.05
C VAL A 504 -22.81 9.64 -7.44
N LEU A 505 -22.77 8.31 -7.72
CA LEU A 505 -21.58 7.59 -8.20
C LEU A 505 -21.87 7.02 -9.59
N VAL A 506 -21.01 7.31 -10.57
CA VAL A 506 -21.20 6.83 -11.94
C VAL A 506 -20.04 5.89 -12.26
N GLY A 507 -20.32 4.88 -13.07
CA GLY A 507 -19.31 3.90 -13.48
C GLY A 507 -19.90 2.60 -13.96
N ILE A 508 -19.13 1.88 -14.77
CA ILE A 508 -19.48 0.53 -15.20
C ILE A 508 -18.94 -0.27 -13.99
N ASN A 509 -19.64 -1.31 -13.52
CA ASN A 509 -19.15 -2.12 -12.36
C ASN A 509 -19.32 -1.55 -10.92
N LEU A 510 -20.53 -1.75 -10.38
CA LEU A 510 -20.87 -1.35 -9.02
C LEU A 510 -20.65 -2.57 -8.11
N LEU A 511 -20.25 -3.70 -8.71
CA LEU A 511 -20.04 -4.96 -8.01
C LEU A 511 -18.73 -4.98 -7.20
N ARG A 512 -18.13 -3.79 -7.01
CA ARG A 512 -16.91 -3.63 -6.21
C ARG A 512 -17.27 -3.71 -4.74
N GLU A 513 -16.34 -4.19 -3.90
CA GLU A 513 -16.57 -4.40 -2.47
C GLU A 513 -16.97 -3.13 -1.71
N GLY A 514 -17.92 -3.27 -0.80
CA GLY A 514 -18.36 -2.16 0.05
C GLY A 514 -19.27 -1.08 -0.54
N LEU A 515 -19.72 -1.22 -1.81
CA LEU A 515 -20.64 -0.23 -2.42
C LEU A 515 -22.10 -0.35 -1.92
N ASP A 516 -22.39 -1.40 -1.10
CA ASP A 516 -23.67 -1.69 -0.44
C ASP A 516 -23.78 -0.70 0.72
N ILE A 517 -24.19 0.54 0.45
CA ILE A 517 -24.23 1.48 1.57
C ILE A 517 -25.65 1.82 2.03
N PRO A 518 -25.91 1.94 3.35
CA PRO A 518 -27.27 2.24 3.82
C PRO A 518 -27.88 3.52 3.28
N GLU A 519 -27.03 4.51 2.90
CA GLU A 519 -27.46 5.82 2.38
C GLU A 519 -28.03 5.75 0.94
N VAL A 520 -27.60 4.75 0.13
CA VAL A 520 -28.06 4.55 -1.25
C VAL A 520 -29.48 3.99 -1.29
N SER A 521 -30.42 4.81 -1.82
CA SER A 521 -31.83 4.44 -1.96
C SER A 521 -32.22 4.20 -3.43
N LEU A 522 -31.27 4.45 -4.37
CA LEU A 522 -31.54 4.27 -5.80
C LEU A 522 -30.35 3.77 -6.62
N VAL A 523 -30.60 2.71 -7.40
CA VAL A 523 -29.65 2.15 -8.36
C VAL A 523 -30.27 2.37 -9.73
N ALA A 524 -29.52 2.99 -10.66
CA ALA A 524 -30.00 3.22 -12.02
C ALA A 524 -29.14 2.42 -13.01
N ILE A 525 -29.76 1.42 -13.66
CA ILE A 525 -29.10 0.55 -14.64
C ILE A 525 -29.40 1.07 -16.05
N LEU A 526 -28.52 1.95 -16.59
CA LEU A 526 -28.62 2.51 -17.94
C LEU A 526 -28.22 1.41 -18.93
N ASP A 527 -28.95 1.26 -20.05
CA ASP A 527 -28.73 0.23 -21.09
C ASP A 527 -28.81 -1.20 -20.51
N ALA A 528 -29.88 -1.44 -19.73
CA ALA A 528 -30.20 -2.69 -19.03
C ALA A 528 -30.41 -3.90 -19.95
N ASP A 529 -30.91 -3.62 -21.19
CA ASP A 529 -31.22 -4.59 -22.24
C ASP A 529 -30.04 -4.85 -23.21
N LYS A 530 -28.88 -4.18 -23.00
CA LYS A 530 -27.73 -4.38 -23.89
C LYS A 530 -26.82 -5.56 -23.53
N GLU A 531 -26.18 -6.15 -24.55
CA GLU A 531 -25.26 -7.28 -24.42
C GLU A 531 -23.97 -6.89 -23.66
N GLY A 532 -23.77 -7.46 -22.48
CA GLY A 532 -22.59 -7.22 -21.67
C GLY A 532 -22.56 -8.13 -20.46
N PHE A 533 -21.34 -8.40 -19.94
CA PHE A 533 -21.16 -9.28 -18.78
C PHE A 533 -21.98 -8.79 -17.59
N LEU A 534 -21.90 -7.46 -17.35
CA LEU A 534 -22.57 -6.80 -16.24
C LEU A 534 -24.05 -6.57 -16.50
N ARG A 535 -24.58 -7.19 -17.57
CA ARG A 535 -25.98 -7.14 -17.95
C ARG A 535 -26.65 -8.52 -17.94
N SER A 536 -25.88 -9.54 -17.49
CA SER A 536 -26.30 -10.93 -17.34
C SER A 536 -27.23 -11.11 -16.14
N GLU A 537 -28.07 -12.17 -16.09
CA GLU A 537 -29.00 -12.41 -14.95
C GLU A 537 -28.31 -12.25 -13.58
N ARG A 538 -27.15 -12.91 -13.38
CA ARG A 538 -26.39 -12.89 -12.13
C ARG A 538 -25.83 -11.53 -11.78
N SER A 539 -25.21 -10.82 -12.74
CA SER A 539 -24.68 -9.47 -12.53
C SER A 539 -25.81 -8.52 -12.15
N LEU A 540 -26.97 -8.58 -12.86
CA LEU A 540 -28.14 -7.76 -12.55
C LEU A 540 -28.63 -7.97 -11.11
N ILE A 541 -28.76 -9.25 -10.68
CA ILE A 541 -29.22 -9.55 -9.32
C ILE A 541 -28.28 -8.94 -8.26
N GLN A 542 -26.98 -9.03 -8.52
CA GLN A 542 -25.94 -8.50 -7.65
C GLN A 542 -25.99 -6.95 -7.63
N THR A 543 -26.27 -6.30 -8.79
CA THR A 543 -26.42 -4.84 -8.95
C THR A 543 -27.64 -4.34 -8.19
N ILE A 544 -28.78 -5.09 -8.31
CA ILE A 544 -30.04 -4.80 -7.61
C ILE A 544 -29.79 -4.78 -6.08
N GLY A 545 -28.99 -5.73 -5.59
CA GLY A 545 -28.64 -5.84 -4.18
C GLY A 545 -27.98 -4.63 -3.54
N ARG A 546 -27.42 -3.74 -4.37
CA ARG A 546 -26.76 -2.52 -3.91
C ARG A 546 -27.76 -1.47 -3.36
N ALA A 547 -29.08 -1.70 -3.57
CA ALA A 547 -30.17 -0.84 -3.11
C ALA A 547 -30.94 -1.45 -1.94
N ALA A 548 -30.60 -2.69 -1.55
CA ALA A 548 -31.28 -3.42 -0.48
C ALA A 548 -30.90 -3.07 0.98
N ARG A 549 -29.89 -2.18 1.23
CA ARG A 549 -29.54 -1.81 2.62
C ARG A 549 -30.43 -0.67 3.10
N ASN A 550 -31.27 -0.14 2.20
CA ASN A 550 -32.17 0.99 2.40
C ASN A 550 -33.64 0.56 2.42
N ALA A 551 -34.39 1.06 3.42
CA ALA A 551 -35.80 0.76 3.63
C ALA A 551 -36.69 1.19 2.47
N GLU A 552 -36.27 2.23 1.71
CA GLU A 552 -37.00 2.74 0.53
C GLU A 552 -36.17 2.51 -0.74
N GLY A 553 -35.46 1.37 -0.78
CA GLY A 553 -34.61 0.97 -1.89
C GLY A 553 -35.36 0.68 -3.17
N ARG A 554 -34.92 1.31 -4.27
CA ARG A 554 -35.52 1.13 -5.60
C ARG A 554 -34.47 1.03 -6.70
N VAL A 555 -34.82 0.27 -7.74
CA VAL A 555 -33.97 0.03 -8.90
C VAL A 555 -34.74 0.48 -10.16
N ILE A 556 -34.06 1.26 -11.03
CA ILE A 556 -34.62 1.71 -12.30
C ILE A 556 -33.77 1.14 -13.43
N MET A 557 -34.44 0.36 -14.31
CA MET A 557 -33.81 -0.26 -15.47
C MET A 557 -34.25 0.51 -16.70
N TYR A 558 -33.28 1.09 -17.44
CA TYR A 558 -33.55 1.84 -18.66
C TYR A 558 -33.27 0.94 -19.85
N ALA A 559 -34.35 0.47 -20.47
CA ALA A 559 -34.33 -0.48 -21.57
C ALA A 559 -35.58 -0.33 -22.45
N ASP A 560 -35.50 -0.77 -23.72
CA ASP A 560 -36.64 -0.75 -24.65
C ASP A 560 -37.31 -2.14 -24.69
N LYS A 561 -36.51 -3.21 -24.60
CA LYS A 561 -36.95 -4.61 -24.59
C LYS A 561 -36.69 -5.23 -23.23
N ILE A 562 -37.45 -6.27 -22.86
CA ILE A 562 -37.20 -7.00 -21.61
C ILE A 562 -36.45 -8.27 -22.00
N THR A 563 -35.17 -8.36 -21.65
CA THR A 563 -34.31 -9.51 -21.98
C THR A 563 -34.56 -10.71 -21.07
N LYS A 564 -34.17 -11.94 -21.50
CA LYS A 564 -34.33 -13.13 -20.63
C LYS A 564 -33.60 -12.87 -19.31
N SER A 565 -32.39 -12.28 -19.39
CA SER A 565 -31.56 -11.86 -18.26
C SER A 565 -32.36 -10.97 -17.30
N MET A 566 -33.00 -9.90 -17.82
CA MET A 566 -33.81 -8.96 -17.05
C MET A 566 -35.00 -9.62 -16.40
N GLU A 567 -35.73 -10.46 -17.14
CA GLU A 567 -36.92 -11.16 -16.64
C GLU A 567 -36.59 -12.01 -15.43
N ILE A 568 -35.52 -12.84 -15.51
CA ILE A 568 -35.06 -13.71 -14.42
C ILE A 568 -34.77 -12.90 -13.16
N ALA A 569 -33.97 -11.81 -13.30
CA ALA A 569 -33.57 -10.88 -12.24
C ALA A 569 -34.80 -10.24 -11.60
N ILE A 570 -35.69 -9.69 -12.43
CA ILE A 570 -36.95 -9.07 -12.02
C ILE A 570 -37.81 -10.06 -11.24
N ASN A 571 -37.90 -11.31 -11.73
CA ASN A 571 -38.68 -12.38 -11.10
C ASN A 571 -38.08 -12.89 -9.79
N GLU A 572 -36.75 -13.15 -9.74
CA GLU A 572 -36.08 -13.61 -8.52
C GLU A 572 -36.24 -12.58 -7.39
N THR A 573 -36.18 -11.29 -7.74
CA THR A 573 -36.35 -10.19 -6.80
C THR A 573 -37.80 -10.22 -6.28
N LYS A 574 -38.81 -10.37 -7.18
CA LYS A 574 -40.22 -10.45 -6.78
C LYS A 574 -40.38 -11.55 -5.73
N ARG A 575 -39.87 -12.79 -6.04
CA ARG A 575 -39.87 -13.99 -5.18
C ARG A 575 -39.35 -13.66 -3.79
N ARG A 576 -38.08 -13.29 -3.71
CA ARG A 576 -37.44 -12.93 -2.46
C ARG A 576 -38.22 -11.81 -1.71
N ARG A 577 -38.46 -10.62 -2.34
CA ARG A 577 -39.17 -9.49 -1.73
C ARG A 577 -40.47 -9.92 -1.07
N GLU A 578 -41.22 -10.83 -1.73
CA GLU A 578 -42.48 -11.40 -1.25
C GLU A 578 -42.26 -12.26 0.02
N GLN A 579 -41.32 -13.25 -0.03
CA GLN A 579 -41.00 -14.14 1.10
C GLN A 579 -40.68 -13.33 2.35
N GLN A 580 -39.88 -12.26 2.18
CA GLN A 580 -39.47 -11.35 3.23
C GLN A 580 -40.65 -10.56 3.78
N GLU A 581 -41.52 -10.03 2.89
CA GLU A 581 -42.72 -9.28 3.26
C GLU A 581 -43.69 -10.14 4.09
N ARG A 582 -43.81 -11.45 3.74
CA ARG A 582 -44.63 -12.47 4.40
C ARG A 582 -44.09 -12.82 5.82
N PHE A 583 -42.77 -12.81 5.99
CA PHE A 583 -42.11 -13.06 7.26
C PHE A 583 -42.28 -11.84 8.16
N ASN A 584 -42.19 -10.62 7.59
CA ASN A 584 -42.36 -9.34 8.31
C ASN A 584 -43.80 -9.15 8.81
N GLU A 585 -44.79 -9.81 8.15
CA GLU A 585 -46.21 -9.83 8.53
C GLU A 585 -46.36 -10.74 9.78
N GLU A 586 -45.87 -11.98 9.69
CA GLU A 586 -45.91 -13.01 10.73
C GLU A 586 -45.17 -12.64 12.04
N HIS A 587 -44.21 -11.69 11.96
CA HIS A 587 -43.42 -11.23 13.11
C HIS A 587 -43.66 -9.73 13.48
N GLY A 588 -44.55 -9.06 12.74
CA GLY A 588 -44.92 -7.66 12.94
C GLY A 588 -43.75 -6.70 12.92
N ILE A 589 -42.99 -6.72 11.81
CA ILE A 589 -41.79 -5.88 11.62
C ILE A 589 -41.98 -4.79 10.56
N THR A 590 -41.45 -3.58 10.85
CA THR A 590 -41.37 -2.42 9.97
C THR A 590 -39.86 -2.17 9.79
N PRO A 591 -39.32 -2.36 8.55
CA PRO A 591 -37.87 -2.20 8.35
C PRO A 591 -37.39 -0.74 8.46
N LYS A 592 -36.22 -0.55 9.08
CA LYS A 592 -35.60 0.76 9.27
C LYS A 592 -34.17 0.74 8.70
N THR A 593 -33.89 1.72 7.79
CA THR A 593 -32.69 1.96 6.95
C THR A 593 -31.29 1.47 7.44
N ILE A 594 -30.43 2.35 8.04
CA ILE A 594 -29.06 2.06 8.49
C ILE A 594 -28.90 1.06 9.65
N ASN A 595 -29.96 0.23 9.91
CA ASN A 595 -30.10 -0.80 10.96
C ASN A 595 -30.30 -0.21 12.38
N LYS A 596 -30.52 -1.10 13.38
CA LYS A 596 -30.77 -0.79 14.80
C LYS A 596 -31.91 0.20 15.04
N ASP B 9 7.94 30.99 -18.99
CA ASP B 9 6.57 31.50 -19.06
C ASP B 9 6.03 31.86 -17.65
N ARG B 10 4.80 32.45 -17.59
CA ARG B 10 4.11 32.89 -16.37
C ARG B 10 3.13 31.85 -15.81
N PHE B 11 2.90 31.91 -14.48
CA PHE B 11 1.98 31.05 -13.73
C PHE B 11 0.54 31.55 -13.91
N GLU B 12 -0.36 30.66 -14.40
CA GLU B 12 -1.78 30.99 -14.62
C GLU B 12 -2.61 30.31 -13.53
N LEU B 13 -3.12 31.12 -12.57
CA LEU B 13 -3.92 30.66 -11.44
C LEU B 13 -5.39 30.56 -11.82
N VAL B 14 -5.88 29.31 -11.87
CA VAL B 14 -7.25 28.97 -12.25
C VAL B 14 -8.12 28.68 -11.01
N SER B 15 -8.89 29.70 -10.59
CA SER B 15 -9.78 29.61 -9.45
C SER B 15 -11.11 30.31 -9.74
N LYS B 16 -12.21 29.73 -9.24
CA LYS B 16 -13.55 30.32 -9.38
C LYS B 16 -13.75 31.33 -8.24
N TYR B 17 -13.03 31.14 -7.10
CA TYR B 17 -13.08 31.99 -5.90
C TYR B 17 -12.10 33.18 -5.92
N GLN B 18 -12.44 34.24 -5.14
CA GLN B 18 -11.65 35.46 -4.95
C GLN B 18 -11.23 35.57 -3.46
N PRO B 19 -10.06 36.20 -3.11
CA PRO B 19 -9.66 36.27 -1.69
C PRO B 19 -10.61 36.99 -0.76
N GLN B 20 -11.05 36.26 0.27
CA GLN B 20 -11.99 36.65 1.31
C GLN B 20 -11.25 36.78 2.64
N GLY B 21 -11.91 37.35 3.64
CA GLY B 21 -11.37 37.51 4.99
C GLY B 21 -10.08 38.31 5.03
N ASP B 22 -9.02 37.74 5.65
CA ASP B 22 -7.74 38.45 5.69
C ASP B 22 -6.67 37.98 4.70
N GLN B 23 -7.11 37.22 3.68
CA GLN B 23 -6.27 36.74 2.59
C GLN B 23 -5.78 37.93 1.75
N PRO B 24 -6.62 38.95 1.36
CA PRO B 24 -6.09 40.06 0.54
C PRO B 24 -4.95 40.85 1.20
N LYS B 25 -5.09 41.21 2.50
CA LYS B 25 -4.05 41.94 3.24
C LYS B 25 -2.77 41.10 3.34
N ALA B 26 -2.91 39.78 3.59
CA ALA B 26 -1.78 38.85 3.67
C ALA B 26 -0.96 38.80 2.36
N ILE B 27 -1.62 38.52 1.20
CA ILE B 27 -0.99 38.46 -0.13
C ILE B 27 -0.25 39.77 -0.45
N GLU B 28 -0.92 40.94 -0.28
CA GLU B 28 -0.31 42.25 -0.55
C GLU B 28 1.01 42.43 0.25
N LYS B 29 0.96 42.14 1.58
CA LYS B 29 2.11 42.25 2.49
C LYS B 29 3.27 41.29 2.13
N LEU B 30 2.94 40.03 1.73
CA LEU B 30 3.95 39.02 1.37
C LEU B 30 4.58 39.27 0.00
N VAL B 31 3.84 39.84 -0.97
CA VAL B 31 4.37 40.13 -2.31
C VAL B 31 5.29 41.37 -2.24
N LYS B 32 4.86 42.40 -1.48
CA LYS B 32 5.65 43.62 -1.23
C LYS B 32 6.98 43.25 -0.56
N GLY B 33 6.96 42.28 0.35
CA GLY B 33 8.14 41.78 1.06
C GLY B 33 9.20 41.25 0.11
N ILE B 34 8.79 40.38 -0.84
CA ILE B 34 9.66 39.80 -1.86
C ILE B 34 10.24 40.90 -2.75
N GLN B 35 9.36 41.82 -3.23
CA GLN B 35 9.72 42.98 -4.05
C GLN B 35 10.72 43.88 -3.31
N GLU B 36 10.51 44.12 -1.99
CA GLU B 36 11.39 44.96 -1.13
C GLU B 36 12.71 44.27 -0.73
N GLY B 37 12.92 43.05 -1.24
CA GLY B 37 14.14 42.27 -1.02
C GLY B 37 14.18 41.38 0.21
N LYS B 38 13.06 41.23 0.94
CA LYS B 38 13.00 40.37 2.11
C LYS B 38 13.08 38.89 1.66
N LYS B 39 14.07 38.05 2.01
CA LYS B 39 15.09 37.96 3.05
C LYS B 39 14.63 36.61 3.64
N HIS B 40 13.65 36.67 4.56
CA HIS B 40 12.95 35.64 5.31
C HIS B 40 11.58 36.28 5.63
N GLN B 41 10.49 35.51 5.48
CA GLN B 41 9.11 35.97 5.76
C GLN B 41 8.29 34.83 6.35
N THR B 42 7.30 35.14 7.20
CA THR B 42 6.45 34.13 7.83
C THR B 42 4.98 34.48 7.68
N LEU B 43 4.19 33.47 7.28
CA LEU B 43 2.75 33.55 7.14
C LEU B 43 2.10 32.86 8.34
N LEU B 44 1.56 33.64 9.29
CA LEU B 44 0.90 33.07 10.46
C LEU B 44 -0.53 32.84 10.06
N GLY B 45 -0.77 31.65 9.52
CA GLY B 45 -2.10 31.29 9.05
C GLY B 45 -2.75 30.23 9.91
N ALA B 46 -3.92 30.56 10.49
CA ALA B 46 -4.72 29.64 11.31
C ALA B 46 -5.31 28.53 10.41
N THR B 47 -5.61 27.34 10.97
CA THR B 47 -6.18 26.26 10.17
C THR B 47 -7.63 26.58 9.87
N GLY B 48 -7.96 26.68 8.58
CA GLY B 48 -9.31 26.99 8.12
C GLY B 48 -9.41 28.29 7.34
N THR B 49 -8.28 29.02 7.21
CA THR B 49 -8.18 30.30 6.51
C THR B 49 -7.79 30.22 5.01
N GLY B 50 -7.40 29.04 4.53
CA GLY B 50 -6.99 28.83 3.14
C GLY B 50 -5.60 29.36 2.84
N LYS B 51 -4.61 28.78 3.53
CA LYS B 51 -3.18 29.10 3.43
C LYS B 51 -2.61 28.82 2.01
N THR B 52 -2.94 27.63 1.42
CA THR B 52 -2.47 27.22 0.09
C THR B 52 -2.87 28.22 -1.01
N PHE B 53 -4.14 28.67 -1.02
CA PHE B 53 -4.57 29.68 -2.00
C PHE B 53 -3.78 30.99 -1.85
N THR B 54 -3.52 31.47 -0.59
CA THR B 54 -2.72 32.69 -0.31
C THR B 54 -1.34 32.50 -0.89
N VAL B 55 -0.80 31.30 -0.69
CA VAL B 55 0.51 30.91 -1.22
C VAL B 55 0.46 30.89 -2.76
N SER B 56 -0.62 30.30 -3.34
CA SER B 56 -0.84 30.23 -4.78
C SER B 56 -0.92 31.63 -5.40
N ASN B 57 -1.57 32.57 -4.70
CA ASN B 57 -1.66 33.95 -5.15
C ASN B 57 -0.26 34.51 -5.22
N LEU B 58 0.48 34.39 -4.11
CA LEU B 58 1.88 34.84 -4.00
C LEU B 58 2.74 34.23 -5.14
N ILE B 59 2.65 32.89 -5.38
CA ILE B 59 3.41 32.18 -6.42
C ILE B 59 3.16 32.81 -7.80
N LYS B 60 1.89 33.17 -8.10
CA LYS B 60 1.48 33.81 -9.35
C LYS B 60 2.07 35.23 -9.48
N GLU B 61 1.86 36.09 -8.45
CA GLU B 61 2.34 37.48 -8.42
C GLU B 61 3.85 37.63 -8.55
N VAL B 62 4.62 36.81 -7.82
CA VAL B 62 6.08 36.90 -7.82
C VAL B 62 6.75 36.25 -9.04
N ASN B 63 6.07 35.28 -9.68
CA ASN B 63 6.53 34.50 -10.86
C ASN B 63 8.00 34.04 -10.77
N LYS B 64 8.24 33.01 -9.95
CA LYS B 64 9.57 32.46 -9.68
C LYS B 64 9.45 30.95 -9.49
N PRO B 65 10.39 30.12 -10.03
CA PRO B 65 10.33 28.66 -9.79
C PRO B 65 10.24 28.40 -8.29
N THR B 66 9.26 27.60 -7.87
CA THR B 66 9.08 27.41 -6.45
C THR B 66 9.24 25.97 -5.92
N LEU B 67 9.63 25.88 -4.63
CA LEU B 67 9.80 24.62 -3.92
C LEU B 67 8.99 24.65 -2.63
N VAL B 68 8.08 23.67 -2.47
CA VAL B 68 7.25 23.55 -1.27
C VAL B 68 7.74 22.39 -0.44
N ILE B 69 8.14 22.64 0.80
CA ILE B 69 8.63 21.56 1.63
C ILE B 69 7.58 21.19 2.69
N ALA B 70 7.24 19.88 2.75
CA ALA B 70 6.29 19.31 3.72
C ALA B 70 7.04 18.35 4.63
N HIS B 71 6.64 18.32 5.92
CA HIS B 71 7.29 17.48 6.93
C HIS B 71 6.88 16.00 6.89
N ASN B 72 5.87 15.68 6.06
CA ASN B 72 5.40 14.30 5.82
C ASN B 72 4.76 14.17 4.44
N LYS B 73 4.84 12.94 3.86
CA LYS B 73 4.31 12.59 2.54
C LYS B 73 2.79 12.74 2.42
N THR B 74 2.04 12.47 3.51
CA THR B 74 0.57 12.60 3.51
C THR B 74 0.18 14.04 3.20
N LEU B 75 0.84 14.97 3.91
CA LEU B 75 0.63 16.39 3.82
C LEU B 75 1.12 16.91 2.47
N ALA B 76 2.24 16.33 1.99
CA ALA B 76 2.84 16.61 0.70
C ALA B 76 1.86 16.24 -0.42
N GLY B 77 1.23 15.07 -0.25
CA GLY B 77 0.23 14.54 -1.18
C GLY B 77 -0.91 15.50 -1.38
N GLN B 78 -1.53 15.97 -0.25
CA GLN B 78 -2.66 16.92 -0.26
C GLN B 78 -2.29 18.24 -0.94
N LEU B 79 -1.09 18.77 -0.64
CA LEU B 79 -0.59 20.02 -1.22
C LEU B 79 -0.43 19.93 -2.73
N TYR B 80 0.07 18.78 -3.25
CA TYR B 80 0.22 18.53 -4.66
C TYR B 80 -1.13 18.62 -5.36
N SER B 81 -2.15 17.93 -4.80
CA SER B 81 -3.54 17.93 -5.28
C SER B 81 -4.05 19.36 -5.34
N GLU B 82 -3.94 20.08 -4.21
CA GLU B 82 -4.34 21.49 -4.06
C GLU B 82 -3.65 22.39 -5.11
N PHE B 83 -2.33 22.22 -5.34
CA PHE B 83 -1.59 23.04 -6.32
C PHE B 83 -1.87 22.69 -7.76
N LYS B 84 -2.10 21.38 -8.06
CA LYS B 84 -2.42 20.90 -9.41
C LYS B 84 -3.78 21.46 -9.86
N GLU B 85 -4.70 21.67 -8.89
CA GLU B 85 -6.02 22.25 -9.16
C GLU B 85 -5.94 23.74 -9.52
N PHE B 86 -5.02 24.47 -8.87
CA PHE B 86 -4.83 25.90 -9.10
C PHE B 86 -3.98 26.25 -10.32
N PHE B 87 -2.97 25.44 -10.66
CA PHE B 87 -2.09 25.69 -11.81
C PHE B 87 -2.14 24.47 -12.74
N PRO B 88 -3.26 24.27 -13.51
CA PRO B 88 -3.38 23.06 -14.35
C PRO B 88 -2.51 23.08 -15.60
N ASN B 89 -2.19 24.29 -16.07
CA ASN B 89 -1.40 24.50 -17.28
C ASN B 89 0.08 24.83 -17.00
N ASN B 90 0.56 24.53 -15.76
CA ASN B 90 1.93 24.77 -15.34
C ASN B 90 2.54 23.48 -14.82
N ALA B 91 3.85 23.50 -14.56
CA ALA B 91 4.56 22.31 -14.08
C ALA B 91 4.46 22.10 -12.56
N VAL B 92 3.41 21.40 -12.11
CA VAL B 92 3.23 21.09 -10.68
C VAL B 92 3.77 19.67 -10.50
N GLU B 93 4.88 19.56 -9.77
CA GLU B 93 5.61 18.31 -9.58
C GLU B 93 5.69 17.80 -8.14
N TYR B 94 5.94 16.50 -7.99
CA TYR B 94 6.02 15.80 -6.72
C TYR B 94 7.36 15.07 -6.59
N PHE B 95 8.15 15.44 -5.57
CA PHE B 95 9.47 14.90 -5.29
C PHE B 95 9.57 14.42 -3.85
N VAL B 96 9.41 13.12 -3.67
CA VAL B 96 9.45 12.43 -2.37
C VAL B 96 10.36 11.17 -2.49
N SER B 97 10.64 10.41 -1.40
CA SER B 97 11.49 9.21 -1.53
C SER B 97 10.85 8.09 -2.34
N TYR B 98 11.65 7.44 -3.24
CA TYR B 98 11.12 6.33 -4.03
C TYR B 98 11.12 5.00 -3.31
N TYR B 99 11.66 4.92 -2.09
CA TYR B 99 11.66 3.66 -1.36
C TYR B 99 10.33 3.41 -0.68
N ASP B 100 9.73 2.23 -0.95
CA ASP B 100 8.50 1.79 -0.28
C ASP B 100 8.95 1.20 1.06
N TYR B 101 10.15 0.61 1.09
CA TYR B 101 10.77 0.06 2.30
C TYR B 101 12.24 0.36 2.25
N TYR B 102 12.77 0.91 3.35
CA TYR B 102 14.20 1.16 3.49
C TYR B 102 14.71 0.92 4.88
N GLN B 103 15.56 -0.11 5.00
CA GLN B 103 16.26 -0.48 6.22
C GLN B 103 17.72 -0.08 5.92
N PRO B 104 18.24 1.02 6.51
CA PRO B 104 19.61 1.42 6.23
C PRO B 104 20.62 0.42 6.78
N GLU B 105 21.83 0.39 6.21
CA GLU B 105 22.90 -0.49 6.69
C GLU B 105 23.35 0.13 8.00
N ALA B 106 23.44 -0.71 9.04
CA ALA B 106 23.78 -0.27 10.39
C ALA B 106 24.46 -1.37 11.21
N TYR B 107 25.17 -0.97 12.27
CA TYR B 107 25.83 -1.89 13.20
C TYR B 107 25.32 -1.57 14.61
N VAL B 108 25.04 -2.62 15.40
CA VAL B 108 24.54 -2.48 16.76
C VAL B 108 25.66 -2.94 17.68
N PRO B 109 26.50 -1.98 18.19
CA PRO B 109 27.66 -2.36 19.03
C PRO B 109 27.28 -3.01 20.34
N GLN B 110 26.15 -2.53 20.92
CA GLN B 110 25.55 -3.03 22.17
C GLN B 110 25.38 -4.56 22.12
N THR B 111 25.20 -5.15 20.88
CA THR B 111 24.99 -6.59 20.66
C THR B 111 25.84 -7.23 19.55
N ASP B 112 26.81 -6.47 18.95
CA ASP B 112 27.71 -6.92 17.86
C ASP B 112 26.91 -7.42 16.62
N THR B 113 25.73 -6.79 16.40
CA THR B 113 24.85 -7.14 15.29
C THR B 113 24.95 -6.16 14.12
N PHE B 114 25.14 -6.74 12.90
CA PHE B 114 25.21 -6.00 11.66
C PHE B 114 23.90 -6.16 10.87
N ILE B 115 23.30 -5.00 10.53
CA ILE B 115 22.06 -4.95 9.79
C ILE B 115 22.40 -4.55 8.37
N GLU B 116 22.16 -5.47 7.42
CA GLU B 116 22.38 -5.23 5.99
C GLU B 116 21.29 -4.30 5.48
N LYS B 117 21.64 -3.43 4.50
CA LYS B 117 20.65 -2.54 3.87
C LYS B 117 19.64 -3.41 3.13
N ASP B 118 18.36 -3.13 3.32
CA ASP B 118 17.27 -3.82 2.63
C ASP B 118 16.28 -2.77 2.18
N ALA B 119 16.15 -2.65 0.86
CA ALA B 119 15.31 -1.65 0.23
C ALA B 119 14.33 -2.25 -0.79
N SER B 120 13.34 -1.44 -1.21
CA SER B 120 12.30 -1.82 -2.15
C SER B 120 11.75 -0.51 -2.71
N ILE B 121 12.14 -0.18 -3.97
CA ILE B 121 11.83 1.02 -4.75
C ILE B 121 10.42 1.00 -5.37
N ASN B 122 9.70 2.13 -5.27
CA ASN B 122 8.40 2.36 -5.89
C ASN B 122 8.68 3.04 -7.19
N ASP B 123 8.48 2.32 -8.30
CA ASP B 123 8.73 2.83 -9.64
C ASP B 123 7.91 4.04 -10.09
N GLU B 124 6.64 4.14 -9.63
CA GLU B 124 5.74 5.26 -9.94
C GLU B 124 6.29 6.58 -9.38
N ILE B 125 6.82 6.51 -8.13
CA ILE B 125 7.41 7.64 -7.42
C ILE B 125 8.69 8.05 -8.12
N ASP B 126 9.50 7.06 -8.56
CA ASP B 126 10.73 7.30 -9.31
C ASP B 126 10.45 8.09 -10.63
N LYS B 127 9.38 7.72 -11.36
CA LYS B 127 8.93 8.38 -12.58
C LYS B 127 8.57 9.84 -12.28
N LEU B 128 7.87 10.07 -11.14
CA LEU B 128 7.43 11.39 -10.67
C LEU B 128 8.62 12.30 -10.34
N ARG B 129 9.66 11.71 -9.72
CA ARG B 129 10.89 12.40 -9.32
C ARG B 129 11.63 12.86 -10.58
N HIS B 130 11.65 12.00 -11.61
CA HIS B 130 12.27 12.27 -12.89
C HIS B 130 11.54 13.37 -13.63
N SER B 131 10.20 13.39 -13.53
CA SER B 131 9.35 14.42 -14.14
C SER B 131 9.70 15.76 -13.52
N ALA B 132 9.92 15.76 -12.17
CA ALA B 132 10.28 16.93 -11.38
C ALA B 132 11.64 17.49 -11.76
N THR B 133 12.74 16.68 -11.69
CA THR B 133 14.11 17.09 -12.04
C THR B 133 14.23 17.59 -13.49
N SER B 134 13.74 16.79 -14.46
CA SER B 134 13.78 17.22 -15.87
C SER B 134 12.94 18.45 -16.17
N ALA B 135 11.85 18.71 -15.40
CA ALA B 135 11.01 19.91 -15.58
C ALA B 135 11.76 21.19 -15.26
N LEU B 136 12.73 21.12 -14.30
CA LEU B 136 13.50 22.29 -13.86
C LEU B 136 14.48 22.81 -14.94
N PHE B 137 14.81 21.96 -15.94
CA PHE B 137 15.69 22.31 -17.05
C PHE B 137 14.85 22.92 -18.20
N GLU B 138 13.64 22.39 -18.42
CA GLU B 138 12.72 22.81 -19.49
C GLU B 138 12.05 24.18 -19.28
N ARG B 139 11.38 24.40 -18.14
CA ARG B 139 10.62 25.63 -17.90
C ARG B 139 10.84 26.31 -16.56
N ARG B 140 10.46 27.60 -16.46
CA ARG B 140 10.59 28.40 -15.25
C ARG B 140 9.29 28.41 -14.41
N ASP B 141 8.16 27.98 -15.01
CA ASP B 141 6.87 27.90 -14.32
C ASP B 141 6.70 26.54 -13.60
N VAL B 142 7.60 26.28 -12.65
CA VAL B 142 7.61 25.02 -11.92
C VAL B 142 7.33 25.24 -10.45
N ILE B 143 6.50 24.35 -9.86
CA ILE B 143 6.20 24.25 -8.43
C ILE B 143 6.50 22.80 -8.07
N ILE B 144 7.45 22.58 -7.15
CA ILE B 144 7.79 21.22 -6.74
C ILE B 144 7.42 21.03 -5.28
N ILE B 145 6.49 20.10 -5.01
CA ILE B 145 6.04 19.74 -3.67
C ILE B 145 6.95 18.61 -3.28
N ALA B 146 7.82 18.85 -2.30
CA ALA B 146 8.80 17.88 -1.85
C ALA B 146 8.86 17.68 -0.36
N SER B 147 9.50 16.57 0.05
CA SER B 147 9.78 16.21 1.43
C SER B 147 11.28 16.51 1.63
N VAL B 148 11.85 16.15 2.81
CA VAL B 148 13.27 16.33 3.11
C VAL B 148 14.18 15.62 2.10
N SER B 149 13.59 14.82 1.18
CA SER B 149 14.30 14.12 0.11
C SER B 149 15.04 15.14 -0.81
N CYS B 150 14.64 16.42 -0.73
CA CYS B 150 15.19 17.54 -1.47
C CYS B 150 16.55 18.00 -0.93
N ILE B 151 16.94 17.55 0.29
CA ILE B 151 18.23 17.92 0.90
C ILE B 151 19.23 16.76 0.88
N TYR B 152 18.79 15.63 0.35
CA TYR B 152 19.60 14.44 0.17
C TYR B 152 20.37 14.44 -1.14
N GLY B 153 21.40 13.60 -1.19
CA GLY B 153 22.28 13.46 -2.34
C GLY B 153 21.59 13.08 -3.63
N LEU B 154 22.05 13.72 -4.71
CA LEU B 154 21.62 13.55 -6.10
C LEU B 154 22.86 13.79 -6.98
N GLY B 155 22.74 13.43 -8.25
CA GLY B 155 23.81 13.64 -9.21
C GLY B 155 23.95 15.10 -9.57
N SER B 156 25.14 15.45 -10.06
CA SER B 156 25.43 16.80 -10.49
C SER B 156 24.41 17.14 -11.60
N PRO B 157 23.68 18.28 -11.53
CA PRO B 157 22.73 18.61 -12.63
C PRO B 157 23.44 18.53 -13.98
N GLU B 158 24.75 18.81 -13.98
CA GLU B 158 25.61 18.75 -15.15
C GLU B 158 25.73 17.29 -15.61
N GLU B 159 25.99 16.36 -14.66
CA GLU B 159 26.10 14.92 -14.94
C GLU B 159 24.78 14.35 -15.47
N TYR B 160 23.66 14.95 -15.03
CA TYR B 160 22.28 14.62 -15.43
C TYR B 160 22.11 14.96 -16.93
N ARG B 161 22.42 16.22 -17.31
CA ARG B 161 22.33 16.74 -18.69
C ARG B 161 23.01 15.79 -19.68
N GLU B 162 24.17 15.20 -19.29
CA GLU B 162 24.95 14.24 -20.07
C GLU B 162 24.33 12.83 -20.07
N MET B 163 24.07 12.26 -18.89
CA MET B 163 23.54 10.90 -18.76
C MET B 163 22.01 10.67 -18.99
N VAL B 164 21.30 11.61 -19.67
CA VAL B 164 19.85 11.47 -19.98
C VAL B 164 19.62 11.76 -21.46
N VAL B 165 19.07 10.78 -22.23
CA VAL B 165 18.80 10.95 -23.66
C VAL B 165 17.41 11.60 -23.85
N SER B 166 17.41 12.92 -24.06
CA SER B 166 16.18 13.68 -24.26
C SER B 166 15.94 13.86 -25.77
N LEU B 167 14.77 13.42 -26.25
CA LEU B 167 14.38 13.48 -27.66
C LEU B 167 13.12 14.29 -27.87
N ARG B 168 13.15 15.16 -28.88
CA ARG B 168 12.04 16.04 -29.29
C ARG B 168 11.63 15.73 -30.74
N THR B 169 10.40 16.15 -31.16
CA THR B 169 9.80 15.94 -32.50
C THR B 169 10.78 16.19 -33.64
N GLU B 170 10.81 17.43 -34.23
CA GLU B 170 11.69 17.78 -35.35
C GLU B 170 13.15 17.37 -35.07
N MET B 171 13.65 17.66 -33.85
CA MET B 171 14.98 17.27 -33.34
C MET B 171 16.18 17.43 -34.28
N GLU B 172 16.41 16.43 -35.18
CA GLU B 172 17.55 16.23 -36.08
C GLU B 172 18.75 15.66 -35.29
N ILE B 173 18.99 14.34 -35.48
CA ILE B 173 20.04 13.53 -34.85
C ILE B 173 20.30 12.31 -35.74
N GLU B 174 21.59 11.89 -35.87
CA GLU B 174 21.94 10.69 -36.65
C GLU B 174 21.36 9.46 -35.91
N ARG B 175 20.59 8.63 -36.66
CA ARG B 175 19.98 7.43 -36.10
C ARG B 175 21.07 6.68 -35.32
N ASN B 176 22.25 6.47 -35.96
CA ASN B 176 23.45 5.84 -35.41
C ASN B 176 23.99 6.53 -34.10
N GLU B 177 23.91 7.88 -34.01
CA GLU B 177 24.34 8.64 -32.83
C GLU B 177 23.40 8.38 -31.66
N LEU B 178 22.08 8.24 -31.95
CA LEU B 178 21.07 7.94 -30.94
C LEU B 178 21.44 6.62 -30.28
N LEU B 179 21.80 5.61 -31.10
CA LEU B 179 22.23 4.29 -30.63
C LEU B 179 23.45 4.43 -29.72
N ARG B 180 24.47 5.21 -30.15
CA ARG B 180 25.69 5.48 -29.37
C ARG B 180 25.32 6.11 -28.03
N LYS B 181 24.43 7.13 -28.04
CA LYS B 181 23.96 7.83 -26.83
C LYS B 181 23.20 6.89 -25.87
N LEU B 182 22.56 5.83 -26.42
CA LEU B 182 21.85 4.81 -25.67
C LEU B 182 22.82 3.81 -25.07
N VAL B 183 23.80 3.33 -25.87
CA VAL B 183 24.82 2.39 -25.37
C VAL B 183 25.64 3.11 -24.28
N ASP B 184 25.94 4.42 -24.48
CA ASP B 184 26.68 5.29 -23.54
C ASP B 184 26.02 5.30 -22.17
N ILE B 185 24.67 5.13 -22.12
CA ILE B 185 23.94 4.92 -20.86
C ILE B 185 24.06 3.39 -20.57
N GLN B 186 23.01 2.63 -20.30
CA GLN B 186 23.34 1.22 -20.07
C GLN B 186 22.54 0.26 -20.96
N TYR B 187 22.16 0.73 -22.16
CA TYR B 187 21.34 -0.03 -23.09
C TYR B 187 22.13 -0.95 -23.99
N ALA B 188 21.68 -2.19 -24.09
CA ALA B 188 22.32 -3.17 -24.97
C ALA B 188 21.55 -3.18 -26.26
N ARG B 189 22.14 -3.70 -27.33
CA ARG B 189 21.40 -3.80 -28.59
C ARG B 189 21.01 -5.25 -28.76
N ASN B 190 19.72 -5.49 -28.88
CA ASN B 190 19.19 -6.83 -29.06
C ASN B 190 18.00 -6.77 -29.99
N ASP B 191 18.21 -7.20 -31.23
CA ASP B 191 17.15 -7.27 -32.22
C ASP B 191 16.56 -8.69 -32.18
N ILE B 192 17.32 -9.66 -31.60
CA ILE B 192 16.91 -11.07 -31.48
C ILE B 192 16.04 -11.33 -30.25
N ASP B 193 16.48 -10.84 -29.06
CA ASP B 193 15.73 -11.03 -27.81
C ASP B 193 15.42 -9.68 -27.17
N PHE B 194 14.42 -8.95 -27.74
CA PHE B 194 14.02 -7.61 -27.27
C PHE B 194 13.32 -7.65 -25.91
N GLN B 195 13.89 -6.96 -24.88
CA GLN B 195 13.40 -6.96 -23.50
C GLN B 195 13.92 -5.74 -22.72
N ARG B 196 13.41 -5.52 -21.47
CA ARG B 196 13.79 -4.44 -20.56
C ARG B 196 15.30 -4.13 -20.59
N GLY B 197 15.67 -2.87 -20.86
CA GLY B 197 17.05 -2.42 -20.92
C GLY B 197 17.76 -2.52 -22.27
N THR B 198 17.02 -2.89 -23.32
CA THR B 198 17.62 -3.02 -24.64
C THR B 198 16.92 -2.15 -25.69
N PHE B 199 17.62 -1.85 -26.80
CA PHE B 199 17.07 -1.14 -27.93
C PHE B 199 17.09 -2.07 -29.15
N ARG B 200 16.20 -1.83 -30.14
CA ARG B 200 16.03 -2.72 -31.29
C ARG B 200 16.64 -2.36 -32.66
N VAL B 201 16.07 -1.35 -33.38
CA VAL B 201 16.40 -0.96 -34.77
C VAL B 201 15.68 -1.87 -35.77
N ARG B 202 14.52 -1.39 -36.23
CA ARG B 202 13.66 -2.07 -37.18
C ARG B 202 13.99 -1.46 -38.55
N GLY B 203 13.07 -0.68 -39.11
CA GLY B 203 13.31 -0.02 -40.39
C GLY B 203 13.99 1.29 -40.11
N ASP B 204 13.28 2.39 -40.39
CA ASP B 204 13.74 3.73 -40.07
C ASP B 204 13.20 3.98 -38.64
N VAL B 205 13.14 2.90 -37.82
CA VAL B 205 12.59 2.86 -36.46
C VAL B 205 13.54 2.27 -35.42
N VAL B 206 13.60 2.93 -34.26
CA VAL B 206 14.34 2.52 -33.07
C VAL B 206 13.31 2.36 -31.93
N GLU B 207 13.18 1.12 -31.42
CA GLU B 207 12.27 0.80 -30.32
C GLU B 207 13.14 0.62 -29.08
N ILE B 208 12.83 1.36 -28.01
CA ILE B 208 13.60 1.36 -26.77
C ILE B 208 12.71 0.82 -25.66
N PHE B 209 13.20 -0.20 -24.94
CA PHE B 209 12.50 -0.80 -23.81
C PHE B 209 13.04 -0.22 -22.49
N PRO B 210 12.39 0.84 -21.95
CA PRO B 210 12.87 1.46 -20.71
C PRO B 210 12.81 0.60 -19.47
N ALA B 211 13.44 1.14 -18.41
CA ALA B 211 13.61 0.64 -17.05
C ALA B 211 12.53 -0.28 -16.45
N SER B 212 11.50 0.25 -15.72
CA SER B 212 10.59 -0.70 -15.08
C SER B 212 9.05 -0.53 -15.06
N ARG B 213 8.42 -1.55 -14.41
CA ARG B 213 7.03 -1.89 -14.06
C ARG B 213 5.87 -1.39 -14.90
N ASP B 214 5.95 -0.17 -15.46
CA ASP B 214 4.91 0.35 -16.34
C ASP B 214 4.71 -0.65 -17.50
N GLU B 215 5.85 -1.17 -18.04
CA GLU B 215 5.98 -2.12 -19.15
C GLU B 215 5.55 -1.44 -20.44
N HIS B 216 6.20 -0.30 -20.71
CA HIS B 216 5.95 0.57 -21.85
C HIS B 216 7.18 0.64 -22.75
N CYS B 217 6.99 1.03 -24.03
CA CYS B 217 8.06 1.19 -25.01
C CYS B 217 7.99 2.50 -25.72
N VAL B 218 9.18 3.06 -26.00
CA VAL B 218 9.31 4.28 -26.76
C VAL B 218 9.68 3.83 -28.17
N ARG B 219 8.82 4.15 -29.15
CA ARG B 219 9.03 3.85 -30.57
C ARG B 219 9.37 5.20 -31.27
N VAL B 220 10.61 5.28 -31.75
CA VAL B 220 11.15 6.46 -32.43
C VAL B 220 11.21 6.16 -33.92
N GLU B 221 10.41 6.90 -34.71
CA GLU B 221 10.35 6.80 -36.17
C GLU B 221 11.21 7.95 -36.71
N PHE B 222 12.24 7.61 -37.51
CA PHE B 222 13.19 8.59 -38.04
C PHE B 222 13.16 8.78 -39.59
N PHE B 223 12.87 10.04 -40.04
CA PHE B 223 12.80 10.44 -41.44
C PHE B 223 14.19 10.92 -41.95
N GLY B 224 15.06 9.94 -42.21
CA GLY B 224 16.42 10.15 -42.72
C GLY B 224 17.44 10.45 -41.66
N ASP B 225 17.19 11.50 -40.87
CA ASP B 225 18.06 12.02 -39.81
C ASP B 225 17.25 12.91 -38.88
N GLU B 226 15.93 13.00 -39.14
CA GLU B 226 14.95 13.77 -38.39
C GLU B 226 14.16 12.79 -37.49
N ILE B 227 13.68 13.24 -36.32
CA ILE B 227 12.82 12.35 -35.54
C ILE B 227 11.41 12.66 -36.02
N GLU B 228 10.88 11.83 -36.94
CA GLU B 228 9.53 12.03 -37.51
C GLU B 228 8.42 11.92 -36.45
N ARG B 229 8.42 10.86 -35.60
CA ARG B 229 7.44 10.66 -34.54
C ARG B 229 8.00 9.85 -33.37
N ILE B 230 7.61 10.20 -32.13
CA ILE B 230 8.00 9.50 -30.91
C ILE B 230 6.68 9.10 -30.22
N ARG B 231 6.35 7.76 -30.17
CA ARG B 231 5.09 7.22 -29.58
C ARG B 231 5.24 6.06 -28.55
N GLU B 232 4.57 6.18 -27.39
CA GLU B 232 4.58 5.19 -26.29
C GLU B 232 3.77 3.94 -26.67
N VAL B 233 4.30 2.74 -26.37
CA VAL B 233 3.69 1.45 -26.73
C VAL B 233 3.56 0.55 -25.51
N ASP B 234 2.40 -0.15 -25.40
CA ASP B 234 2.11 -1.11 -24.34
C ASP B 234 2.89 -2.39 -24.66
N ALA B 235 3.97 -2.70 -23.88
CA ALA B 235 4.83 -3.89 -24.13
C ALA B 235 4.07 -5.21 -24.04
N LEU B 236 3.15 -5.31 -23.08
CA LEU B 236 2.32 -6.48 -22.80
C LEU B 236 1.21 -6.74 -23.83
N THR B 237 0.82 -5.73 -24.64
CA THR B 237 -0.26 -5.83 -25.63
C THR B 237 0.16 -5.55 -27.08
N GLY B 238 1.07 -4.59 -27.27
CA GLY B 238 1.47 -4.09 -28.58
C GLY B 238 0.69 -2.85 -28.99
N GLU B 239 -0.30 -2.46 -28.13
CA GLU B 239 -1.19 -1.30 -28.24
C GLU B 239 -0.39 0.03 -28.14
N ILE B 240 -0.65 0.99 -29.08
CA ILE B 240 -0.01 2.31 -29.19
C ILE B 240 -0.61 3.34 -28.20
N LEU B 241 -0.26 3.15 -26.91
CA LEU B 241 -0.63 3.90 -25.70
C LEU B 241 -0.79 5.44 -25.81
N GLY B 242 -0.22 6.05 -26.87
CA GLY B 242 -0.28 7.48 -27.13
C GLY B 242 0.93 8.07 -27.82
N ASP B 243 0.71 9.18 -28.58
CA ASP B 243 1.75 9.92 -29.31
C ASP B 243 2.37 11.05 -28.45
N ARG B 244 3.72 11.14 -28.45
CA ARG B 244 4.48 12.13 -27.67
C ARG B 244 5.26 13.12 -28.56
N ASP B 245 5.63 14.30 -27.98
CA ASP B 245 6.39 15.37 -28.64
C ASP B 245 7.81 15.49 -28.04
N HIS B 246 7.94 15.11 -26.76
CA HIS B 246 9.19 15.11 -26.01
C HIS B 246 9.28 13.81 -25.24
N VAL B 247 10.48 13.29 -25.04
CA VAL B 247 10.71 12.08 -24.25
C VAL B 247 12.13 12.04 -23.67
N ALA B 248 12.26 11.60 -22.42
CA ALA B 248 13.56 11.51 -21.79
C ALA B 248 13.83 10.08 -21.40
N ILE B 249 14.85 9.48 -22.02
CA ILE B 249 15.27 8.12 -21.75
C ILE B 249 16.27 8.15 -20.57
N PHE B 250 16.02 7.31 -19.56
CA PHE B 250 16.86 7.22 -18.37
C PHE B 250 17.69 5.94 -18.36
N PRO B 251 18.89 5.95 -17.73
CA PRO B 251 19.77 4.76 -17.78
C PRO B 251 19.16 3.44 -17.32
N ALA B 252 19.55 2.34 -18.01
CA ALA B 252 19.12 0.97 -17.71
C ALA B 252 19.65 0.50 -16.31
N SER B 253 20.74 1.16 -15.81
CA SER B 253 21.41 0.94 -14.52
C SER B 253 21.91 -0.50 -14.30
N MET B 262 36.07 6.38 -14.23
CA MET B 262 35.81 5.27 -13.31
C MET B 262 37.06 4.55 -12.78
N GLU B 263 38.09 4.44 -13.63
CA GLU B 263 39.36 3.78 -13.28
C GLU B 263 40.13 4.54 -12.21
N LYS B 264 40.16 5.89 -12.30
CA LYS B 264 40.84 6.79 -11.35
C LYS B 264 40.15 6.72 -9.99
N ALA B 265 38.81 6.54 -9.98
CA ALA B 265 37.99 6.41 -8.80
C ALA B 265 38.38 5.13 -8.02
N ILE B 266 38.50 3.98 -8.74
CA ILE B 266 38.90 2.70 -8.16
C ILE B 266 40.33 2.79 -7.57
N GLN B 267 41.24 3.51 -8.27
CA GLN B 267 42.61 3.75 -7.81
C GLN B 267 42.60 4.58 -6.53
N ASN B 268 41.72 5.60 -6.46
CA ASN B 268 41.57 6.49 -5.30
C ASN B 268 41.04 5.84 -4.05
N ILE B 269 40.07 4.89 -4.19
CA ILE B 269 39.49 4.14 -3.07
C ILE B 269 40.61 3.29 -2.44
N GLU B 270 41.33 2.50 -3.29
CA GLU B 270 42.45 1.66 -2.88
C GLU B 270 43.51 2.49 -2.13
N LYS B 271 43.75 3.75 -2.57
CA LYS B 271 44.68 4.66 -1.90
C LYS B 271 44.18 5.05 -0.49
N GLU B 272 42.86 5.27 -0.33
CA GLU B 272 42.22 5.62 0.95
C GLU B 272 42.23 4.39 1.89
N LEU B 273 41.96 3.19 1.30
CA LEU B 273 41.94 1.92 1.99
C LEU B 273 43.29 1.58 2.60
N GLU B 274 44.37 1.73 1.81
CA GLU B 274 45.71 1.45 2.30
C GLU B 274 46.06 2.38 3.45
N GLU B 275 45.72 3.68 3.34
CA GLU B 275 45.98 4.68 4.38
C GLU B 275 45.20 4.38 5.67
N GLN B 276 43.94 3.92 5.53
CA GLN B 276 43.06 3.56 6.64
C GLN B 276 43.50 2.27 7.35
N LEU B 277 44.16 1.37 6.59
CA LEU B 277 44.68 0.10 7.11
C LEU B 277 45.97 0.29 7.94
N LYS B 278 46.80 1.28 7.60
CA LYS B 278 48.01 1.56 8.37
C LYS B 278 47.56 2.16 9.70
N VAL B 279 46.57 3.08 9.68
CA VAL B 279 46.01 3.76 10.86
C VAL B 279 45.49 2.75 11.89
N MET B 280 44.57 1.85 11.43
CA MET B 280 43.91 0.82 12.23
C MET B 280 44.89 -0.14 12.86
N HIS B 281 45.94 -0.56 12.11
CA HIS B 281 46.93 -1.49 12.60
C HIS B 281 47.76 -0.88 13.73
N GLU B 282 48.13 0.39 13.54
CA GLU B 282 48.91 1.17 14.50
C GLU B 282 48.17 1.39 15.82
N ASN B 283 46.83 1.31 15.80
CA ASN B 283 45.97 1.46 16.96
C ASN B 283 45.51 0.09 17.55
N GLY B 284 45.96 -1.00 16.93
CA GLY B 284 45.60 -2.36 17.34
C GLY B 284 44.19 -2.81 17.01
N LYS B 285 43.47 -2.06 16.14
CA LYS B 285 42.10 -2.40 15.71
C LYS B 285 42.16 -3.41 14.53
N LEU B 286 42.66 -4.64 14.83
CA LEU B 286 42.87 -5.74 13.87
C LEU B 286 41.63 -6.42 13.28
N LEU B 287 40.58 -6.60 14.09
CA LEU B 287 39.35 -7.25 13.62
C LEU B 287 38.68 -6.33 12.62
N GLU B 288 38.62 -5.04 12.96
CA GLU B 288 38.04 -3.97 12.16
C GLU B 288 38.85 -3.83 10.86
N ALA B 289 40.18 -4.01 10.94
CA ALA B 289 41.05 -3.89 9.77
C ALA B 289 40.86 -5.06 8.80
N GLN B 290 40.59 -6.25 9.33
CA GLN B 290 40.35 -7.45 8.54
C GLN B 290 39.02 -7.28 7.78
N ARG B 291 37.98 -6.84 8.52
CA ARG B 291 36.62 -6.59 8.01
C ARG B 291 36.64 -5.55 6.89
N LEU B 292 37.42 -4.46 7.07
CA LEU B 292 37.53 -3.40 6.08
C LEU B 292 38.15 -3.91 4.78
N GLU B 293 39.31 -4.56 4.84
CA GLU B 293 39.96 -5.04 3.62
C GLU B 293 39.01 -5.99 2.88
N GLN B 294 38.47 -7.02 3.57
CA GLN B 294 37.55 -8.03 3.03
C GLN B 294 36.39 -7.37 2.29
N ARG B 295 35.68 -6.45 2.96
CA ARG B 295 34.54 -5.75 2.39
C ARG B 295 34.93 -4.83 1.22
N THR B 296 35.96 -3.99 1.39
CA THR B 296 36.40 -3.06 0.35
C THR B 296 36.91 -3.78 -0.87
N ARG B 297 37.92 -4.68 -0.70
CA ARG B 297 38.51 -5.43 -1.82
C ARG B 297 37.47 -6.19 -2.66
N TYR B 298 36.41 -6.72 -2.00
CA TYR B 298 35.33 -7.43 -2.69
C TYR B 298 34.58 -6.46 -3.62
N ASP B 299 34.13 -5.32 -3.06
CA ASP B 299 33.38 -4.26 -3.75
C ASP B 299 34.12 -3.74 -4.97
N LEU B 300 35.46 -3.61 -4.84
CA LEU B 300 36.34 -3.14 -5.92
C LEU B 300 36.44 -4.13 -7.08
N GLU B 301 36.38 -5.43 -6.79
CA GLU B 301 36.43 -6.45 -7.83
C GLU B 301 35.08 -6.51 -8.55
N MET B 302 33.97 -6.28 -7.80
CA MET B 302 32.61 -6.25 -8.29
C MET B 302 32.46 -5.04 -9.22
N MET B 303 33.18 -3.94 -8.92
CA MET B 303 33.17 -2.72 -9.74
C MET B 303 34.01 -2.86 -11.00
N ARG B 304 35.15 -3.55 -10.93
CA ARG B 304 36.02 -3.75 -12.09
C ARG B 304 35.34 -4.64 -13.14
N GLU B 305 34.59 -5.66 -12.69
CA GLU B 305 33.90 -6.59 -13.56
C GLU B 305 32.60 -5.99 -14.10
N MET B 306 31.57 -5.88 -13.23
CA MET B 306 30.24 -5.36 -13.59
C MET B 306 30.24 -3.86 -13.86
N GLY B 307 30.80 -3.09 -12.95
CA GLY B 307 30.79 -1.64 -13.00
C GLY B 307 29.99 -1.10 -11.83
N PHE B 308 29.20 -2.00 -11.20
CA PHE B 308 28.34 -1.74 -10.06
C PHE B 308 28.68 -2.69 -8.94
N CYS B 309 28.22 -2.38 -7.71
CA CYS B 309 28.34 -3.20 -6.50
C CYS B 309 27.21 -2.80 -5.54
N SER B 310 26.84 -3.67 -4.60
CA SER B 310 25.83 -3.29 -3.62
C SER B 310 26.46 -2.21 -2.68
N GLY B 311 25.71 -1.15 -2.47
CA GLY B 311 26.14 -0.04 -1.63
C GLY B 311 27.16 0.85 -2.30
N ILE B 312 27.11 0.92 -3.65
CA ILE B 312 28.00 1.74 -4.50
C ILE B 312 27.92 3.23 -4.12
N GLU B 313 26.74 3.63 -3.57
CA GLU B 313 26.44 4.97 -3.08
C GLU B 313 27.42 5.42 -2.03
N ASN B 314 27.98 4.49 -1.25
CA ASN B 314 28.96 4.81 -0.21
C ASN B 314 30.25 5.34 -0.80
N TYR B 315 30.57 4.91 -2.03
CA TYR B 315 31.78 5.31 -2.73
C TYR B 315 31.59 6.58 -3.54
N SER B 316 30.33 7.11 -3.62
CA SER B 316 29.93 8.32 -4.38
C SER B 316 30.96 9.46 -4.51
N ARG B 317 31.59 9.92 -3.40
CA ARG B 317 32.61 11.00 -3.44
C ARG B 317 33.78 10.66 -4.37
N HIS B 318 34.24 9.40 -4.34
CA HIS B 318 35.34 8.93 -5.18
C HIS B 318 34.91 8.79 -6.63
N LEU B 319 33.64 8.37 -6.88
CA LEU B 319 33.11 8.19 -8.22
C LEU B 319 32.90 9.54 -8.98
N THR B 320 32.65 10.64 -8.24
CA THR B 320 32.48 11.97 -8.84
C THR B 320 33.82 12.73 -8.89
N LEU B 321 34.89 12.11 -8.36
CA LEU B 321 36.25 12.65 -8.30
C LEU B 321 36.36 13.99 -7.56
N ARG B 322 35.30 14.31 -6.78
CA ARG B 322 35.18 15.50 -5.97
C ARG B 322 36.15 15.45 -4.76
N PRO B 323 36.57 16.60 -4.16
CA PRO B 323 37.51 16.53 -3.02
C PRO B 323 36.84 16.07 -1.70
N PRO B 324 37.61 15.58 -0.69
CA PRO B 324 36.99 15.17 0.58
C PRO B 324 36.38 16.35 1.34
N GLY B 325 35.30 16.08 2.05
CA GLY B 325 34.58 17.10 2.81
C GLY B 325 33.48 17.79 2.03
N SER B 326 33.61 17.78 0.67
CA SER B 326 32.70 18.37 -0.31
C SER B 326 31.19 18.21 -0.02
N THR B 327 30.44 19.29 -0.30
CA THR B 327 28.98 19.40 -0.15
C THR B 327 28.29 18.61 -1.29
N PRO B 328 27.27 17.78 -0.99
CA PRO B 328 26.64 17.00 -2.06
C PRO B 328 25.76 17.80 -2.99
N TYR B 329 25.50 17.25 -4.20
CA TYR B 329 24.56 17.87 -5.13
C TYR B 329 23.14 17.48 -4.70
N THR B 330 22.23 18.46 -4.58
CA THR B 330 20.83 18.22 -4.15
C THR B 330 19.81 18.77 -5.16
N LEU B 331 18.51 18.51 -4.94
CA LEU B 331 17.48 19.05 -5.84
C LEU B 331 17.62 20.58 -5.90
N LEU B 332 18.02 21.20 -4.77
CA LEU B 332 18.21 22.64 -4.65
C LEU B 332 19.18 23.23 -5.70
N ASP B 333 20.14 22.42 -6.20
CA ASP B 333 21.13 22.81 -7.22
C ASP B 333 20.52 22.88 -8.63
N TYR B 334 19.44 22.12 -8.87
CA TYR B 334 18.74 22.08 -10.15
C TYR B 334 17.83 23.33 -10.31
N PHE B 335 17.60 24.09 -9.22
CA PHE B 335 16.79 25.31 -9.24
C PHE B 335 17.65 26.53 -9.59
N PRO B 336 17.06 27.55 -10.26
CA PRO B 336 17.81 28.77 -10.57
C PRO B 336 18.20 29.55 -9.31
N ASP B 337 19.25 30.39 -9.39
CA ASP B 337 19.69 31.26 -8.28
C ASP B 337 18.49 32.02 -7.69
N ASP B 338 17.64 32.61 -8.58
CA ASP B 338 16.41 33.34 -8.24
C ASP B 338 15.24 32.35 -8.18
N PHE B 339 15.01 31.75 -6.99
CA PHE B 339 13.93 30.78 -6.74
C PHE B 339 13.35 30.92 -5.31
N MET B 340 12.07 30.54 -5.14
CA MET B 340 11.38 30.64 -3.86
C MET B 340 11.16 29.29 -3.19
N ILE B 341 11.22 29.26 -1.84
CA ILE B 341 10.96 28.08 -1.02
C ILE B 341 9.84 28.43 -0.07
N VAL B 342 8.85 27.54 0.06
CA VAL B 342 7.72 27.72 0.95
C VAL B 342 7.70 26.51 1.88
N VAL B 343 7.89 26.76 3.18
CA VAL B 343 7.93 25.69 4.20
C VAL B 343 6.55 25.51 4.86
N ASP B 344 5.85 24.38 4.61
CA ASP B 344 4.56 24.14 5.27
C ASP B 344 4.84 23.58 6.69
N GLU B 345 4.03 24.00 7.71
CA GLU B 345 4.16 23.63 9.14
C GLU B 345 5.65 23.77 9.57
N SER B 346 6.22 24.97 9.32
CA SER B 346 7.63 25.30 9.54
C SER B 346 8.20 24.88 10.90
N HIS B 347 7.39 25.02 11.95
CA HIS B 347 7.76 24.66 13.34
C HIS B 347 7.99 23.14 13.48
N VAL B 348 7.62 22.38 12.44
CA VAL B 348 7.83 20.95 12.39
C VAL B 348 8.93 20.61 11.39
N THR B 349 8.85 21.19 10.19
CA THR B 349 9.76 20.96 9.09
C THR B 349 11.17 21.45 9.38
N ILE B 350 11.30 22.72 9.83
CA ILE B 350 12.61 23.30 10.13
C ILE B 350 13.44 22.41 11.08
N PRO B 351 12.91 21.97 12.26
CA PRO B 351 13.70 21.05 13.12
C PRO B 351 14.07 19.72 12.43
N GLN B 352 13.14 19.20 11.56
CA GLN B 352 13.30 17.97 10.78
C GLN B 352 14.48 18.11 9.87
N VAL B 353 14.48 19.15 9.00
CA VAL B 353 15.53 19.48 8.03
C VAL B 353 16.88 19.57 8.74
N ARG B 354 16.90 20.36 9.82
CA ARG B 354 18.04 20.62 10.68
C ARG B 354 18.61 19.31 11.30
N GLY B 355 17.72 18.36 11.58
CA GLY B 355 18.12 17.09 12.20
C GLY B 355 18.62 15.96 11.33
N MET B 356 18.42 16.08 10.02
CA MET B 356 18.78 15.05 9.07
C MET B 356 20.22 14.66 9.14
N PHE B 357 21.10 15.62 8.89
CA PHE B 357 22.56 15.46 8.85
C PHE B 357 23.13 14.74 10.08
N ASN B 358 22.71 15.18 11.28
CA ASN B 358 23.21 14.65 12.54
C ASN B 358 23.00 13.16 12.74
N GLY B 359 21.81 12.69 12.36
CA GLY B 359 21.47 11.28 12.46
C GLY B 359 22.25 10.39 11.51
N ASP B 360 22.35 10.86 10.25
CA ASP B 360 23.06 10.20 9.14
C ASP B 360 24.52 9.98 9.51
N GLN B 361 25.16 11.07 9.99
CA GLN B 361 26.56 11.04 10.37
C GLN B 361 26.80 10.09 11.51
N ALA B 362 25.88 10.11 12.52
CA ALA B 362 25.92 9.29 13.73
C ALA B 362 25.97 7.79 13.37
N ARG B 363 24.99 7.31 12.54
CA ARG B 363 24.93 5.94 12.04
C ARG B 363 26.18 5.60 11.21
N LYS B 364 26.55 6.49 10.27
CA LYS B 364 27.72 6.23 9.43
C LYS B 364 29.03 6.23 10.19
N GLN B 365 29.14 7.05 11.27
CA GLN B 365 30.36 7.07 12.07
C GLN B 365 30.60 5.74 12.79
N VAL B 366 29.56 5.13 13.38
CA VAL B 366 29.71 3.82 14.02
C VAL B 366 30.20 2.77 13.01
N LEU B 367 29.62 2.75 11.78
CA LEU B 367 30.04 1.83 10.70
C LEU B 367 31.52 2.04 10.34
N VAL B 368 31.97 3.32 10.28
CA VAL B 368 33.35 3.67 10.02
C VAL B 368 34.27 3.13 11.14
N ASP B 369 33.92 3.45 12.41
CA ASP B 369 34.65 3.06 13.62
C ASP B 369 34.94 1.57 13.70
N HIS B 370 33.98 0.75 13.24
CA HIS B 370 34.09 -0.71 13.29
C HIS B 370 34.58 -1.40 11.99
N GLY B 371 35.05 -0.60 11.04
CA GLY B 371 35.59 -1.10 9.79
C GLY B 371 34.60 -1.64 8.79
N PHE B 372 33.34 -1.20 8.87
CA PHE B 372 32.33 -1.63 7.90
C PHE B 372 32.46 -0.77 6.66
N ARG B 373 32.78 0.52 6.81
CA ARG B 373 32.93 1.46 5.69
C ARG B 373 34.14 2.36 5.87
N LEU B 374 34.65 2.92 4.78
CA LEU B 374 35.80 3.83 4.80
C LEU B 374 35.32 5.21 5.26
N PRO B 375 36.20 6.12 5.75
CA PRO B 375 35.71 7.45 6.17
C PRO B 375 35.04 8.29 5.07
N SER B 376 35.26 7.97 3.78
CA SER B 376 34.66 8.69 2.65
C SER B 376 33.15 8.41 2.53
N ALA B 377 32.63 7.44 3.31
CA ALA B 377 31.21 7.07 3.30
C ALA B 377 30.37 8.21 3.87
N LEU B 378 30.96 8.97 4.83
CA LEU B 378 30.34 10.11 5.48
C LEU B 378 30.11 11.24 4.50
N ASP B 379 30.87 11.28 3.37
CA ASP B 379 30.74 12.30 2.32
C ASP B 379 29.47 12.15 1.49
N ASN B 380 28.85 10.96 1.54
CA ASN B 380 27.57 10.61 0.92
C ASN B 380 26.59 10.83 2.06
N ARG B 381 25.91 12.00 2.08
CA ARG B 381 25.08 12.45 3.20
C ARG B 381 24.05 13.51 2.81
N PRO B 382 23.03 13.83 3.67
CA PRO B 382 22.17 14.97 3.35
C PRO B 382 22.92 16.27 3.67
N LEU B 383 22.30 17.41 3.39
CA LEU B 383 22.87 18.70 3.63
C LEU B 383 22.94 19.06 5.10
N ARG B 384 23.93 19.88 5.45
CA ARG B 384 24.04 20.50 6.76
C ARG B 384 22.99 21.64 6.72
N PHE B 385 22.41 22.02 7.87
CA PHE B 385 21.45 23.12 7.88
C PHE B 385 22.11 24.38 7.40
N GLU B 386 23.39 24.61 7.78
CA GLU B 386 24.23 25.74 7.33
C GLU B 386 24.28 25.77 5.77
N GLU B 387 24.42 24.58 5.13
CA GLU B 387 24.47 24.37 3.69
C GLU B 387 23.16 24.72 3.02
N PHE B 388 22.05 24.30 3.66
CA PHE B 388 20.69 24.55 3.21
C PHE B 388 20.37 26.04 3.30
N GLU B 389 20.88 26.71 4.34
CA GLU B 389 20.69 28.14 4.58
C GLU B 389 21.34 28.97 3.45
N LYS B 390 22.49 28.49 2.92
CA LYS B 390 23.24 29.14 1.86
C LYS B 390 22.50 29.12 0.53
N HIS B 391 21.44 28.30 0.44
CA HIS B 391 20.57 28.17 -0.74
C HIS B 391 19.31 29.05 -0.70
N MET B 392 18.93 29.54 0.50
CA MET B 392 17.74 30.38 0.69
C MET B 392 17.90 31.70 -0.06
N HIS B 393 17.11 31.89 -1.11
CA HIS B 393 17.10 33.13 -1.89
C HIS B 393 15.95 34.03 -1.39
N ASN B 394 14.72 33.47 -1.39
CA ASN B 394 13.47 34.03 -0.90
C ASN B 394 12.76 32.88 -0.20
N ILE B 395 12.53 32.98 1.13
CA ILE B 395 11.90 31.89 1.88
C ILE B 395 10.67 32.35 2.68
N VAL B 396 9.57 31.60 2.57
CA VAL B 396 8.32 31.90 3.26
C VAL B 396 7.91 30.74 4.15
N TYR B 397 7.94 30.95 5.47
CA TYR B 397 7.58 29.95 6.45
C TYR B 397 6.09 30.06 6.68
N VAL B 398 5.38 28.94 6.58
CA VAL B 398 3.94 28.92 6.80
C VAL B 398 3.66 28.02 8.01
N SER B 399 2.97 28.56 9.01
CA SER B 399 2.64 27.83 10.24
C SER B 399 1.54 28.52 11.02
N ALA B 400 0.71 27.75 11.73
CA ALA B 400 -0.29 28.37 12.58
C ALA B 400 0.41 28.82 13.89
N THR B 401 1.52 28.17 14.24
CA THR B 401 2.32 28.45 15.43
C THR B 401 3.81 28.45 15.05
N PRO B 402 4.32 29.51 14.39
CA PRO B 402 5.73 29.52 13.98
C PRO B 402 6.75 29.22 15.07
N GLY B 403 7.82 28.55 14.67
CA GLY B 403 8.92 28.16 15.54
C GLY B 403 9.94 29.25 15.81
N PRO B 404 10.85 29.00 16.76
CA PRO B 404 11.86 29.99 17.14
C PRO B 404 12.72 30.52 16.01
N TYR B 405 13.12 29.63 15.06
CA TYR B 405 13.95 29.96 13.89
C TYR B 405 13.27 31.05 13.04
N GLU B 406 12.03 30.79 12.65
CA GLU B 406 11.20 31.65 11.83
C GLU B 406 11.01 32.98 12.55
N ILE B 407 10.76 32.93 13.89
CA ILE B 407 10.57 34.13 14.71
C ILE B 407 11.84 35.00 14.74
N GLU B 408 13.04 34.38 14.86
CA GLU B 408 14.31 35.08 14.88
C GLU B 408 14.68 35.71 13.53
N HIS B 409 14.22 35.12 12.41
CA HIS B 409 14.57 35.54 11.05
C HIS B 409 13.57 36.45 10.35
N THR B 410 12.29 36.43 10.76
CA THR B 410 11.23 37.27 10.20
C THR B 410 11.20 38.62 10.94
N ASP B 411 11.29 39.75 10.18
CA ASP B 411 11.25 41.10 10.77
C ASP B 411 9.83 41.43 11.27
N GLU B 412 8.80 41.19 10.42
CA GLU B 412 7.39 41.39 10.76
C GLU B 412 6.56 40.17 10.34
N MET B 413 5.69 39.71 11.25
CA MET B 413 4.79 38.56 11.04
C MET B 413 3.64 38.95 10.15
N VAL B 414 3.16 38.02 9.31
CA VAL B 414 2.01 38.31 8.43
C VAL B 414 0.82 37.43 8.85
N GLU B 415 -0.05 37.95 9.74
CA GLU B 415 -1.20 37.21 10.27
C GLU B 415 -2.37 37.05 9.30
N GLN B 416 -2.95 35.85 9.26
CA GLN B 416 -4.13 35.47 8.48
C GLN B 416 -4.96 34.56 9.42
N ILE B 417 -5.79 35.20 10.25
CA ILE B 417 -6.58 34.49 11.26
C ILE B 417 -8.09 34.40 11.01
N ILE B 418 -8.65 35.32 10.18
CA ILE B 418 -10.09 35.36 9.85
C ILE B 418 -10.52 34.25 8.88
N ARG B 419 -11.47 33.37 9.33
CA ARG B 419 -12.01 32.23 8.56
C ARG B 419 -13.15 32.68 7.65
N PRO B 420 -13.28 32.13 6.41
CA PRO B 420 -14.41 32.52 5.54
C PRO B 420 -15.75 32.04 6.11
N THR B 421 -15.77 30.87 6.79
CA THR B 421 -16.96 30.28 7.42
C THR B 421 -17.41 31.04 8.66
N GLY B 422 -16.53 31.85 9.21
CA GLY B 422 -16.78 32.63 10.41
C GLY B 422 -16.59 31.86 11.69
N LEU B 423 -16.25 30.56 11.57
CA LEU B 423 -16.02 29.61 12.66
C LEU B 423 -14.95 30.16 13.62
N LEU B 424 -15.22 30.11 14.94
CA LEU B 424 -14.30 30.65 15.97
C LEU B 424 -13.45 29.60 16.64
N ASP B 425 -12.25 30.02 17.14
CA ASP B 425 -11.33 29.17 17.91
C ASP B 425 -12.01 28.85 19.26
N PRO B 426 -11.92 27.61 19.77
CA PRO B 426 -12.69 27.22 20.98
C PRO B 426 -12.55 27.98 22.31
N LEU B 427 -13.45 27.64 23.24
CA LEU B 427 -13.49 28.18 24.59
C LEU B 427 -12.72 27.19 25.45
N ILE B 428 -11.73 27.66 26.19
CA ILE B 428 -10.92 26.78 27.03
C ILE B 428 -11.30 26.92 28.49
N ASP B 429 -11.69 25.79 29.10
CA ASP B 429 -12.02 25.72 30.52
C ASP B 429 -10.96 24.86 31.18
N VAL B 430 -10.40 25.35 32.29
CA VAL B 430 -9.39 24.60 33.03
C VAL B 430 -10.03 24.07 34.31
N ARG B 431 -9.99 22.73 34.46
CA ARG B 431 -10.62 22.01 35.56
C ARG B 431 -9.58 21.26 36.43
N PRO B 432 -9.87 21.01 37.75
CA PRO B 432 -8.88 20.33 38.60
C PRO B 432 -8.68 18.86 38.28
N ILE B 433 -7.53 18.31 38.67
CA ILE B 433 -7.22 16.88 38.47
C ILE B 433 -8.11 16.02 39.37
N GLU B 434 -8.48 16.53 40.57
CA GLU B 434 -9.35 15.81 41.52
C GLU B 434 -10.79 15.77 41.00
N GLY B 435 -11.18 14.61 40.48
CA GLY B 435 -12.51 14.36 39.91
C GLY B 435 -12.48 14.38 38.40
N GLN B 436 -11.25 14.37 37.81
CA GLN B 436 -10.90 14.39 36.39
C GLN B 436 -11.86 13.54 35.56
N ILE B 437 -11.85 12.23 35.80
CA ILE B 437 -12.60 11.23 35.06
C ILE B 437 -14.12 11.41 35.13
N ASP B 438 -14.72 11.41 36.33
CA ASP B 438 -16.17 11.59 36.53
C ASP B 438 -16.72 12.78 35.75
N ASP B 439 -15.93 13.88 35.77
CA ASP B 439 -16.24 15.14 35.09
C ASP B 439 -16.23 14.95 33.58
N LEU B 440 -15.15 14.34 33.07
CA LEU B 440 -14.95 14.02 31.67
C LEU B 440 -16.10 13.10 31.21
N ILE B 441 -16.43 12.05 32.02
CA ILE B 441 -17.51 11.06 31.78
C ILE B 441 -18.85 11.78 31.54
N GLY B 442 -19.18 12.71 32.43
CA GLY B 442 -20.40 13.52 32.36
C GLY B 442 -20.47 14.36 31.09
N GLU B 443 -19.30 14.91 30.67
CA GLU B 443 -19.15 15.72 29.46
C GLU B 443 -19.30 14.83 28.22
N ILE B 444 -18.68 13.62 28.23
CA ILE B 444 -18.79 12.67 27.11
C ILE B 444 -20.25 12.25 26.98
N GLN B 445 -20.89 11.82 28.09
CA GLN B 445 -22.30 11.40 28.12
C GLN B 445 -23.25 12.46 27.52
N ALA B 446 -23.00 13.73 27.85
CA ALA B 446 -23.75 14.89 27.39
C ALA B 446 -23.61 15.12 25.88
N ARG B 447 -22.40 14.85 25.34
CA ARG B 447 -22.14 15.04 23.91
C ARG B 447 -22.84 13.98 23.06
N ILE B 448 -23.00 12.75 23.61
CA ILE B 448 -23.67 11.65 22.93
C ILE B 448 -25.12 12.01 22.69
N GLU B 449 -25.77 12.59 23.72
CA GLU B 449 -27.15 13.07 23.69
C GLU B 449 -27.35 14.14 22.59
N ARG B 450 -26.34 15.00 22.39
CA ARG B 450 -26.39 16.06 21.39
C ARG B 450 -25.85 15.61 20.00
N ASN B 451 -25.46 14.32 19.84
CA ASN B 451 -24.86 13.69 18.64
C ASN B 451 -23.57 14.39 18.22
N GLU B 452 -22.67 14.57 19.18
CA GLU B 452 -21.38 15.20 18.97
C GLU B 452 -20.29 14.17 19.36
N ARG B 453 -19.05 14.36 18.89
CA ARG B 453 -17.99 13.43 19.24
C ARG B 453 -16.97 14.08 20.16
N VAL B 454 -16.13 13.26 20.86
CA VAL B 454 -15.08 13.68 21.79
C VAL B 454 -13.71 13.09 21.40
N LEU B 455 -12.63 13.89 21.61
CA LEU B 455 -11.25 13.48 21.41
C LEU B 455 -10.53 13.70 22.72
N VAL B 456 -9.93 12.65 23.28
CA VAL B 456 -9.20 12.73 24.54
C VAL B 456 -7.71 12.42 24.37
N THR B 457 -6.87 13.26 24.98
CA THR B 457 -5.43 13.10 24.95
C THR B 457 -4.89 12.82 26.32
N THR B 458 -4.10 11.74 26.44
CA THR B 458 -3.43 11.36 27.70
C THR B 458 -1.91 11.52 27.50
N LEU B 459 -1.07 11.18 28.51
CA LEU B 459 0.37 11.27 28.34
C LEU B 459 0.91 9.90 28.02
N THR B 460 0.60 8.94 28.88
CA THR B 460 1.10 7.58 28.80
C THR B 460 0.11 6.67 28.13
N LYS B 461 0.60 5.53 27.58
CA LYS B 461 -0.27 4.53 26.96
C LYS B 461 -1.09 3.82 28.04
N LYS B 462 -0.59 3.72 29.31
CA LYS B 462 -1.32 3.09 30.42
C LYS B 462 -2.63 3.83 30.59
N MET B 463 -2.56 5.13 30.97
CA MET B 463 -3.66 6.09 31.14
C MET B 463 -4.68 6.00 29.98
N SER B 464 -4.15 5.90 28.73
CA SER B 464 -4.90 5.77 27.50
C SER B 464 -5.62 4.42 27.41
N GLU B 465 -4.89 3.29 27.59
CA GLU B 465 -5.45 1.93 27.57
C GLU B 465 -6.48 1.77 28.71
N ASP B 466 -6.16 2.31 29.89
CA ASP B 466 -6.97 2.25 31.10
C ASP B 466 -8.29 3.01 30.97
N LEU B 467 -8.28 4.21 30.33
CA LEU B 467 -9.52 4.99 30.16
C LEU B 467 -10.39 4.34 29.12
N THR B 468 -9.79 3.72 28.08
CA THR B 468 -10.55 3.05 27.03
C THR B 468 -11.33 1.85 27.63
N ASP B 469 -10.64 1.03 28.43
CA ASP B 469 -11.20 -0.15 29.07
C ASP B 469 -12.35 0.22 30.05
N TYR B 470 -12.19 1.31 30.81
CA TYR B 470 -13.20 1.78 31.75
C TYR B 470 -14.39 2.40 31.01
N LEU B 471 -14.14 3.20 29.96
CA LEU B 471 -15.19 3.81 29.15
C LEU B 471 -16.01 2.72 28.41
N LYS B 472 -15.36 1.62 27.99
CA LYS B 472 -16.02 0.49 27.34
C LYS B 472 -16.90 -0.29 28.35
N GLU B 473 -16.47 -0.33 29.65
CA GLU B 473 -17.20 -0.97 30.74
C GLU B 473 -18.50 -0.23 31.04
N ILE B 474 -18.45 1.13 31.05
CA ILE B 474 -19.61 2.02 31.25
C ILE B 474 -20.62 1.86 30.09
N GLY B 475 -20.12 1.69 28.86
CA GLY B 475 -20.93 1.49 27.66
C GLY B 475 -20.73 2.48 26.53
N ILE B 476 -19.72 3.34 26.64
CA ILE B 476 -19.39 4.36 25.65
C ILE B 476 -18.64 3.70 24.49
N LYS B 477 -19.10 3.94 23.24
CA LYS B 477 -18.47 3.38 22.03
C LYS B 477 -17.14 4.15 21.83
N VAL B 478 -16.00 3.48 22.17
CA VAL B 478 -14.67 4.07 22.16
C VAL B 478 -13.64 3.31 21.29
N ASN B 479 -12.62 4.05 20.85
CA ASN B 479 -11.46 3.52 20.15
C ASN B 479 -10.20 4.20 20.62
N TYR B 480 -9.20 3.37 20.95
CA TYR B 480 -7.87 3.80 21.38
C TYR B 480 -6.95 3.87 20.15
N LEU B 481 -6.30 5.02 19.95
CA LEU B 481 -5.39 5.25 18.83
C LEU B 481 -3.98 4.84 19.20
N HIS B 482 -3.39 3.91 18.43
CA HIS B 482 -2.02 3.43 18.66
C HIS B 482 -0.98 4.38 18.14
N SER B 483 0.16 4.50 18.85
CA SER B 483 1.27 5.37 18.45
C SER B 483 1.70 5.09 17.00
N GLU B 484 1.63 3.80 16.61
CA GLU B 484 1.95 3.22 15.30
C GLU B 484 0.65 2.83 14.54
N ILE B 485 0.21 3.71 13.65
CA ILE B 485 -1.01 3.50 12.88
C ILE B 485 -0.72 3.85 11.42
N LYS B 486 -1.13 2.94 10.51
CA LYS B 486 -0.95 3.07 9.06
C LYS B 486 -1.93 4.10 8.46
N THR B 487 -1.63 4.66 7.26
CA THR B 487 -2.51 5.64 6.60
C THR B 487 -3.95 5.13 6.40
N LEU B 488 -4.12 3.84 6.04
CA LEU B 488 -5.45 3.24 5.86
C LEU B 488 -6.20 3.14 7.19
N GLU B 489 -5.55 2.64 8.26
CA GLU B 489 -6.14 2.46 9.61
C GLU B 489 -6.58 3.82 10.19
N ARG B 490 -5.77 4.89 9.91
CA ARG B 490 -6.05 6.29 10.26
C ARG B 490 -7.38 6.66 9.57
N ILE B 491 -7.39 6.72 8.20
CA ILE B 491 -8.55 7.04 7.35
C ILE B 491 -9.85 6.34 7.77
N GLU B 492 -9.73 5.04 8.15
CA GLU B 492 -10.82 4.18 8.60
C GLU B 492 -11.31 4.56 9.97
N ILE B 493 -10.37 4.81 10.90
CA ILE B 493 -10.70 5.18 12.28
C ILE B 493 -11.50 6.48 12.40
N ILE B 494 -11.07 7.51 11.65
CA ILE B 494 -11.68 8.83 11.54
C ILE B 494 -13.07 8.69 10.92
N ARG B 495 -13.16 7.89 9.83
CA ARG B 495 -14.39 7.59 9.08
C ARG B 495 -15.46 7.05 10.03
N ASP B 496 -15.11 5.96 10.77
CA ASP B 496 -15.93 5.27 11.77
C ASP B 496 -16.39 6.27 12.85
N LEU B 497 -15.46 7.15 13.34
CA LEU B 497 -15.76 8.21 14.33
C LEU B 497 -16.76 9.27 13.81
N ARG B 498 -16.60 9.70 12.52
CA ARG B 498 -17.51 10.62 11.81
C ARG B 498 -18.91 9.96 11.65
N LEU B 499 -18.96 8.71 11.14
CA LEU B 499 -20.20 7.96 10.94
C LEU B 499 -20.93 7.56 12.24
N GLY B 500 -20.21 7.62 13.36
CA GLY B 500 -20.75 7.35 14.69
C GLY B 500 -20.56 5.97 15.29
N LYS B 501 -19.75 5.10 14.62
CA LYS B 501 -19.41 3.74 15.10
C LYS B 501 -18.86 3.87 16.54
N TYR B 502 -18.01 4.90 16.76
CA TYR B 502 -17.45 5.28 18.05
C TYR B 502 -17.83 6.72 18.27
N ASP B 503 -18.04 7.11 19.53
CA ASP B 503 -18.39 8.48 19.92
C ASP B 503 -17.20 9.21 20.51
N VAL B 504 -16.21 8.45 21.03
CA VAL B 504 -15.02 9.02 21.67
C VAL B 504 -13.74 8.37 21.15
N LEU B 505 -12.63 9.16 21.00
CA LEU B 505 -11.29 8.69 20.62
C LEU B 505 -10.33 8.98 21.75
N VAL B 506 -9.58 7.96 22.19
CA VAL B 506 -8.59 8.14 23.27
C VAL B 506 -7.22 7.86 22.68
N GLY B 507 -6.21 8.56 23.18
CA GLY B 507 -4.84 8.38 22.71
C GLY B 507 -3.91 9.52 23.05
N ILE B 508 -2.59 9.29 22.91
CA ILE B 508 -1.52 10.24 23.19
C ILE B 508 -1.44 11.41 22.18
N ASN B 509 -1.28 11.07 20.87
CA ASN B 509 -1.13 12.04 19.77
C ASN B 509 -2.39 12.32 18.93
N LEU B 510 -3.00 13.48 19.17
CA LEU B 510 -4.18 13.88 18.41
C LEU B 510 -3.82 14.79 17.23
N LEU B 511 -2.52 15.04 17.07
CA LEU B 511 -1.95 15.88 16.01
C LEU B 511 -1.74 15.11 14.70
N ARG B 512 -2.38 13.94 14.56
CA ARG B 512 -2.31 13.11 13.37
C ARG B 512 -3.22 13.74 12.31
N GLU B 513 -2.86 13.58 11.03
CA GLU B 513 -3.60 14.21 9.90
C GLU B 513 -5.09 13.83 9.84
N GLY B 514 -5.90 14.83 9.49
CA GLY B 514 -7.35 14.69 9.34
C GLY B 514 -8.22 14.47 10.56
N LEU B 515 -7.62 14.51 11.78
CA LEU B 515 -8.30 14.34 13.07
C LEU B 515 -9.18 15.51 13.46
N ASP B 516 -9.08 16.63 12.75
CA ASP B 516 -9.96 17.77 13.03
C ASP B 516 -11.25 17.57 12.19
N ILE B 517 -12.28 17.02 12.83
CA ILE B 517 -13.53 16.70 12.15
C ILE B 517 -14.71 17.58 12.58
N PRO B 518 -15.63 17.95 11.67
CA PRO B 518 -16.74 18.84 12.07
C PRO B 518 -17.63 18.30 13.18
N GLU B 519 -17.70 16.96 13.34
CA GLU B 519 -18.52 16.29 14.35
C GLU B 519 -17.98 16.46 15.80
N VAL B 520 -16.66 16.66 15.95
CA VAL B 520 -16.01 16.84 17.26
C VAL B 520 -16.28 18.23 17.83
N SER B 521 -17.02 18.28 18.96
CA SER B 521 -17.35 19.52 19.67
C SER B 521 -16.58 19.65 20.99
N LEU B 522 -15.81 18.59 21.38
CA LEU B 522 -15.05 18.58 22.62
C LEU B 522 -13.70 17.90 22.56
N VAL B 523 -12.67 18.61 23.01
CA VAL B 523 -11.31 18.09 23.14
C VAL B 523 -11.02 18.11 24.63
N ALA B 524 -10.58 16.96 25.20
CA ALA B 524 -10.24 16.88 26.61
C ALA B 524 -8.75 16.56 26.75
N ILE B 525 -7.99 17.54 27.30
CA ILE B 525 -6.55 17.41 27.50
C ILE B 525 -6.29 16.98 28.95
N LEU B 526 -6.21 15.65 29.19
CA LEU B 526 -5.90 15.08 30.51
C LEU B 526 -4.41 15.32 30.79
N ASP B 527 -4.05 15.71 32.04
CA ASP B 527 -2.66 16.01 32.46
C ASP B 527 -2.03 17.13 31.61
N ALA B 528 -2.78 18.22 31.44
CA ALA B 528 -2.44 19.42 30.66
C ALA B 528 -1.19 20.15 31.15
N ASP B 529 -0.93 20.08 32.49
CA ASP B 529 0.18 20.72 33.21
C ASP B 529 1.38 19.81 33.36
N LYS B 530 1.23 18.53 32.95
CA LYS B 530 2.23 17.50 33.21
C LYS B 530 3.51 17.45 32.41
N GLU B 531 3.74 18.36 31.47
CA GLU B 531 5.01 18.46 30.75
C GLU B 531 5.62 17.25 30.03
N GLY B 532 5.54 17.38 28.74
CA GLY B 532 6.00 16.50 27.67
C GLY B 532 5.94 17.32 26.39
N PHE B 533 6.45 16.76 25.25
CA PHE B 533 6.47 17.44 23.97
C PHE B 533 5.07 17.89 23.56
N LEU B 534 4.08 16.97 23.73
CA LEU B 534 2.69 17.20 23.38
C LEU B 534 1.94 18.06 24.40
N ARG B 535 2.66 18.67 25.35
CA ARG B 535 2.07 19.59 26.34
C ARG B 535 2.72 20.98 26.24
N SER B 536 3.58 21.17 25.21
CA SER B 536 4.28 22.42 24.90
C SER B 536 3.32 23.45 24.36
N GLU B 537 3.71 24.74 24.43
CA GLU B 537 2.92 25.86 23.93
C GLU B 537 2.32 25.52 22.56
N ARG B 538 3.18 25.16 21.59
CA ARG B 538 2.76 24.82 20.23
C ARG B 538 1.81 23.64 20.15
N SER B 539 2.22 22.47 20.66
CA SER B 539 1.41 21.25 20.64
C SER B 539 0.01 21.50 21.18
N LEU B 540 -0.13 22.24 22.31
CA LEU B 540 -1.42 22.59 22.89
C LEU B 540 -2.27 23.40 21.89
N ILE B 541 -1.68 24.41 21.22
CA ILE B 541 -2.40 25.23 20.24
C ILE B 541 -2.95 24.37 19.09
N GLN B 542 -2.14 23.38 18.59
CA GLN B 542 -2.59 22.50 17.52
C GLN B 542 -3.69 21.56 18.04
N THR B 543 -3.58 21.07 19.32
CA THR B 543 -4.57 20.20 19.95
C THR B 543 -5.92 20.93 20.07
N ILE B 544 -5.87 22.21 20.50
CA ILE B 544 -7.03 23.10 20.63
C ILE B 544 -7.76 23.22 19.28
N GLY B 545 -6.99 23.37 18.19
CA GLY B 545 -7.49 23.49 16.83
C GLY B 545 -8.36 22.34 16.33
N ARG B 546 -8.27 21.17 17.00
CA ARG B 546 -9.07 19.99 16.66
C ARG B 546 -10.58 20.16 17.03
N ALA B 547 -10.92 21.22 17.78
CA ALA B 547 -12.28 21.53 18.19
C ALA B 547 -12.85 22.75 17.43
N ALA B 548 -12.04 23.40 16.57
CA ALA B 548 -12.40 24.61 15.84
C ALA B 548 -13.26 24.43 14.57
N ARG B 549 -13.53 23.17 14.15
CA ARG B 549 -14.38 22.87 12.96
C ARG B 549 -15.87 22.79 13.34
N ASN B 550 -16.15 22.98 14.63
CA ASN B 550 -17.46 22.93 15.23
C ASN B 550 -17.86 24.29 15.81
N ALA B 551 -19.10 24.71 15.51
CA ALA B 551 -19.66 25.99 15.96
C ALA B 551 -19.77 26.09 17.49
N GLU B 552 -19.90 24.95 18.20
CA GLU B 552 -19.99 24.89 19.66
C GLU B 552 -18.72 24.19 20.25
N GLY B 553 -17.58 24.40 19.59
CA GLY B 553 -16.29 23.83 19.97
C GLY B 553 -15.79 24.28 21.32
N ARG B 554 -15.62 23.33 22.24
CA ARG B 554 -15.16 23.56 23.61
C ARG B 554 -13.93 22.71 23.95
N VAL B 555 -12.98 23.24 24.78
CA VAL B 555 -11.75 22.54 25.20
C VAL B 555 -11.68 22.47 26.72
N ILE B 556 -11.37 21.29 27.27
CA ILE B 556 -11.22 21.13 28.72
C ILE B 556 -9.80 20.67 29.05
N MET B 557 -9.09 21.48 29.85
CA MET B 557 -7.75 21.19 30.30
C MET B 557 -7.82 20.74 31.75
N TYR B 558 -7.38 19.51 32.03
CA TYR B 558 -7.36 18.95 33.38
C TYR B 558 -5.96 19.09 33.93
N ALA B 559 -5.80 20.05 34.85
CA ALA B 559 -4.53 20.43 35.46
C ALA B 559 -4.74 21.05 36.83
N ASP B 560 -3.70 21.01 37.70
CA ASP B 560 -3.74 21.65 39.01
C ASP B 560 -3.03 23.00 39.00
N LYS B 561 -1.94 23.11 38.22
CA LYS B 561 -1.16 24.33 38.04
C LYS B 561 -1.34 24.85 36.62
N ILE B 562 -1.17 26.16 36.41
CA ILE B 562 -1.23 26.73 35.07
C ILE B 562 0.22 26.91 34.63
N THR B 563 0.67 26.13 33.63
CA THR B 563 2.04 26.20 33.12
C THR B 563 2.24 27.38 32.15
N LYS B 564 3.51 27.80 31.94
CA LYS B 564 3.78 28.90 31.00
C LYS B 564 3.21 28.51 29.63
N SER B 565 3.43 27.22 29.24
CA SER B 565 2.93 26.59 28.03
C SER B 565 1.42 26.77 27.91
N MET B 566 0.65 26.42 28.97
CA MET B 566 -0.81 26.53 29.03
C MET B 566 -1.28 27.96 28.88
N GLU B 567 -0.63 28.90 29.62
CA GLU B 567 -0.97 30.33 29.58
C GLU B 567 -0.89 30.90 28.19
N ILE B 568 0.22 30.65 27.47
CA ILE B 568 0.47 31.10 26.10
C ILE B 568 -0.65 30.62 25.16
N ALA B 569 -0.93 29.30 25.18
CA ALA B 569 -1.97 28.63 24.40
C ALA B 569 -3.35 29.23 24.68
N ILE B 570 -3.70 29.34 25.98
CA ILE B 570 -4.96 29.92 26.45
C ILE B 570 -5.09 31.38 25.95
N ASN B 571 -3.99 32.17 26.03
CA ASN B 571 -3.96 33.56 25.59
C ASN B 571 -4.05 33.75 24.08
N GLU B 572 -3.28 32.96 23.29
CA GLU B 572 -3.30 33.04 21.83
C GLU B 572 -4.70 32.73 21.29
N THR B 573 -5.37 31.76 21.94
CA THR B 573 -6.73 31.36 21.58
C THR B 573 -7.67 32.51 21.88
N LYS B 574 -7.56 33.15 23.09
CA LYS B 574 -8.39 34.31 23.46
C LYS B 574 -8.28 35.38 22.37
N ARG B 575 -7.03 35.75 21.98
CA ARG B 575 -6.68 36.71 20.94
C ARG B 575 -7.42 36.40 19.63
N ARG B 576 -7.18 35.19 19.06
CA ARG B 576 -7.76 34.68 17.81
C ARG B 576 -9.29 34.53 17.80
N ARG B 577 -9.88 34.12 18.95
CA ARG B 577 -11.34 33.98 19.11
C ARG B 577 -12.02 35.35 19.12
N GLU B 578 -11.39 36.36 19.79
CA GLU B 578 -11.85 37.73 19.91
C GLU B 578 -11.85 38.44 18.52
N GLN B 579 -10.69 38.41 17.79
CA GLN B 579 -10.54 39.03 16.46
C GLN B 579 -11.63 38.55 15.52
N GLN B 580 -11.88 37.22 15.54
CA GLN B 580 -12.87 36.53 14.74
C GLN B 580 -14.28 36.98 15.12
N GLU B 581 -14.59 37.04 16.44
CA GLU B 581 -15.89 37.47 16.96
C GLU B 581 -16.22 38.92 16.54
N ARG B 582 -15.19 39.80 16.54
CA ARG B 582 -15.24 41.23 16.16
C ARG B 582 -15.47 41.39 14.67
N PHE B 583 -14.91 40.49 13.85
CA PHE B 583 -15.08 40.47 12.40
C PHE B 583 -16.49 40.00 12.04
N ASN B 584 -16.99 38.99 12.77
CA ASN B 584 -18.32 38.40 12.59
C ASN B 584 -19.42 39.41 12.94
N GLU B 585 -19.13 40.38 13.85
CA GLU B 585 -20.02 41.47 14.25
C GLU B 585 -20.13 42.49 13.11
N GLU B 586 -18.95 42.98 12.63
CA GLU B 586 -18.79 43.97 11.56
C GLU B 586 -19.34 43.53 10.20
N HIS B 587 -19.46 42.20 9.97
CA HIS B 587 -19.96 41.62 8.71
C HIS B 587 -21.27 40.82 8.86
N GLY B 588 -21.82 40.78 10.08
CA GLY B 588 -23.08 40.09 10.41
C GLY B 588 -23.14 38.62 10.00
N ILE B 589 -22.21 37.80 10.53
CA ILE B 589 -22.09 36.36 10.25
C ILE B 589 -22.40 35.51 11.51
N THR B 590 -23.18 34.43 11.34
CA THR B 590 -23.50 33.46 12.39
C THR B 590 -22.84 32.16 11.96
N PRO B 591 -21.81 31.65 12.70
CA PRO B 591 -21.12 30.44 12.24
C PRO B 591 -21.96 29.17 12.36
N LYS B 592 -21.87 28.31 11.33
CA LYS B 592 -22.58 27.03 11.26
C LYS B 592 -21.61 25.93 10.96
N THR B 593 -21.75 24.80 11.69
CA THR B 593 -20.91 23.63 11.48
C THR B 593 -21.28 23.07 10.10
N ILE B 594 -20.32 23.12 9.16
CA ILE B 594 -20.50 22.61 7.81
C ILE B 594 -20.01 21.14 7.81
N ASN B 595 -20.97 20.19 7.61
CA ASN B 595 -20.73 18.73 7.59
C ASN B 595 -21.29 18.10 6.32
PB ADP E . -21.63 -11.56 6.13
O1B ADP E . -21.77 -12.21 7.52
O2B ADP E . -22.51 -12.33 5.10
O3B ADP E . -20.14 -11.62 5.70
PA ADP E . -23.59 -9.37 6.05
O1A ADP E . -23.49 -8.02 5.45
O2A ADP E . -24.44 -10.27 5.13
O3A ADP E . -22.12 -10.04 6.16
O5' ADP E . -24.18 -9.25 7.54
C5' ADP E . -23.94 -8.12 8.41
C4' ADP E . -23.40 -8.40 9.81
O4' ADP E . -24.36 -9.10 10.64
C3' ADP E . -22.05 -9.09 10.02
O3' ADP E . -21.17 -8.26 10.78
C2' ADP E . -22.40 -10.37 10.79
O2' ADP E . -21.34 -10.84 11.62
C1' ADP E . -23.65 -9.91 11.56
N9 ADP E . -24.54 -10.96 12.05
C8 ADP E . -24.86 -12.13 11.41
N7 ADP E . -25.80 -12.83 12.00
C5 ADP E . -26.12 -12.07 13.12
C6 ADP E . -27.07 -12.24 14.14
N6 ADP E . -27.89 -13.30 14.23
N1 ADP E . -27.17 -11.27 15.09
C2 ADP E . -26.34 -10.22 15.01
N3 ADP E . -25.40 -9.97 14.11
C4 ADP E . -25.34 -10.92 13.17
PB ADP F . -5.41 24.85 3.26
O1B ADP F . -4.51 25.52 4.25
O2B ADP F . -4.79 23.49 2.82
O3B ADP F . -5.59 25.77 2.03
PA ADP F . -7.64 25.20 5.21
O1A ADP F . -8.78 24.29 5.54
O2A ADP F . -6.69 25.31 6.41
O3A ADP F . -6.84 24.59 3.96
#